data_7VG2
#
_entry.id   7VG2
#
_cell.length_a   1.00
_cell.length_b   1.00
_cell.length_c   1.00
_cell.angle_alpha   90.00
_cell.angle_beta   90.00
_cell.angle_gamma   90.00
#
_symmetry.space_group_name_H-M   'P 1'
#
loop_
_entity.id
_entity.type
_entity.pdbx_description
1 polymer 'Dicer-like 3'
2 polymer "TAS1a forward strand (5'-phosphorylation)"
3 polymer 'TAS1a reverse strand'
4 non-polymer 'CALCIUM ION'
5 non-polymer 'ZINC ION'
#
loop_
_entity_poly.entity_id
_entity_poly.type
_entity_poly.pdbx_seq_one_letter_code
_entity_poly.pdbx_strand_id
1 'polypeptide(L)'
;MWSHPQFEKGGGARGGSGGGSWSHPQFEKGFDYKDDDDKGSGSENLYFQGSMHSSLEPEKMEEGGGSNSLKRKFSEIDGD
QNLDSVSSPMMTDSNGSYELKVYEVAKNRNIIAVLGTGIDKSEITKRLIKAMGSSDTDKRLIIFLAPTVNLVKQQCCEIR
ALVNLKVEEYFGAKGVDKWTSQRWDEEFSKHDVLVMTPQILLDVLRSAFLKLEMVCLLIIDECHHTTGNHPYAKLMKEFY
HESTSKPKIFGLTASAVIRKAQVSELERLMDSKIFNPEEREGVEKFATTVKEGPILYNPSPSCSLELKEKLETSHLKFDA
SLRRLQELGKDSFLNMDNKFETYQKRLSIDYREILHCLDNLGLICAHLAAEVCLEKISDTKEESETYKECSMVCKEFLED
ILSTIGVYLPQDDKSLVDLQQNHLSAVISGHVSPKLKELFHLLDSFRGDKQKQCLILVERIITAKVIERFVKKEASLAYL
NVLYLTENNPSTNVSAQKMQIEIPDLFQHGKVNLLFITDVVEEGFQVPDCSCMVCFDLPKTMCSYSQSQKHAKQSNSKSI
MFLERGNPKQRDHLHDLMRREVLIQDPEAPNLKSCPPPVKNGHGVKEIGSMVIPDSNITVSEEAASTQTMSDPPSRNEQL
PPCKKLRLDNNLLQSNGKEKVASSKSKSSSSAAGSKKRKELHGTTCANALSGTWGENIDGATFQAYKFDFCCNISGEVYS
SFSLLLESTLAEDVGKVEMDLYLVRKLVKASVSPCGQIRLSQEELVKAKYFQQFFFNGMFGKLFVGSKSQGTKREFLLQT
DTSSLWHPAFMFLLLPVETNDLASSATIDWSAINSCASIVEFLKKNSLLDLRDSDGNQCNTSSGQEVLLDDKMEETNLIH
FANASSDKNSLEELVVIAIHTGRIYSIVEAVSDSSAMSPFEVDASSGYATYAEYFNKKYGIVLAHPNQPLMKLKQSHHAH
NLLVDFNEEMVVKTEPKAGNVRKRKPNIHAHLPPELLARIDVPRAVLKSIYLLPSVMHRLESLMLASQLREEIDCSIDNF
SISSTSILEAVTTLTCPESFSMERLELLGDSVLKYVASCHLFLKYPDKDEGQLSRQRQSIISNSNLHRLTTSRKLQGYIR
NGAFEPRRWTAPGQFSLFPVPCKCGIDTREVPLDPKFFTENMTIKIGKSCDMGHRWVVSKSVSDCAEALIGAYYVSGGLS
ASLHMMKWLGIDVDFDPNLVVEAINRVSLRCYIPKEDELIELERKIQHEFSAKFLLKEAITHSSLRESYSYERLEFLGDS
VLDFLITRHLFNTYEQTGPGEMTDLRSACVNNENFAQVAVKNNLHTHLQRCATVLETQINDYLMSFQKPDETGRSIPSIQ
GPKALGDVVESIAGALLIDTRLDLDQVWRVFEPLLSPLVTPDKLQLPPYRELNELCDSLGYFFRVKCSNDGVKAQATIQL
QLDDVLLTGDGSEQTNKLALGKAASHLLTQLEKRNISRKTSLGDNQSSMDVNLACNHSDRETLTSETTEIQSIVIPFIGP
INMKKGGPRGTLHEFCKKHLWPMPTFDTSEEKSRTPFEFIDGGEKRTSFSSFTSTITLRIPNREAVMYAGEARPDKKSSF
DSAVVELLYELERRKIVIIQK
;
A
2 'polyribonucleotide' AACAAGCGAAUGAGUCAUUCAUCCUAAGUCUGCAUAAAGU C
3 'polyribonucleotide' ACUUUAUGCAGACUUAGGAUGAAUGACUCAUUCGCUUGUUC D
#
# COMPACT_ATOMS: atom_id res chain seq x y z
N SER A 671 -3.69 -9.42 -18.94
CA SER A 671 -2.96 -9.35 -20.18
C SER A 671 -2.92 -7.95 -20.75
N ALA A 672 -3.96 -7.16 -20.50
CA ALA A 672 -4.02 -5.84 -21.09
C ALA A 672 -3.29 -4.84 -20.23
N ALA A 673 -3.01 -3.68 -20.83
CA ALA A 673 -2.48 -2.57 -20.09
C ALA A 673 -3.48 -2.13 -19.04
N GLY A 674 -3.01 -1.98 -17.82
CA GLY A 674 -3.90 -1.70 -16.73
C GLY A 674 -4.33 -2.91 -15.95
N SER A 675 -4.08 -4.11 -16.45
CA SER A 675 -4.49 -5.29 -15.72
C SER A 675 -3.50 -5.59 -14.61
N LYS A 676 -3.92 -6.42 -13.67
CA LYS A 676 -2.99 -6.77 -12.61
C LYS A 676 -1.99 -7.77 -13.12
N LYS A 677 -2.38 -8.60 -14.08
CA LYS A 677 -1.58 -9.75 -14.45
C LYS A 677 -0.37 -9.37 -15.28
N ARG A 678 -0.38 -8.24 -15.97
CA ARG A 678 0.74 -7.84 -16.80
C ARG A 678 1.74 -7.03 -15.99
N LYS A 679 2.80 -7.67 -15.53
CA LYS A 679 3.85 -7.00 -14.80
C LYS A 679 4.78 -6.38 -15.83
N GLU A 680 4.90 -5.07 -15.81
CA GLU A 680 5.68 -4.37 -16.81
C GLU A 680 6.78 -3.57 -16.14
N LEU A 681 7.95 -3.53 -16.77
CA LEU A 681 9.12 -2.94 -16.15
C LEU A 681 9.18 -1.47 -16.45
N HIS A 682 9.34 -0.67 -15.40
CA HIS A 682 9.43 0.78 -15.53
C HIS A 682 10.66 1.25 -14.80
N GLY A 683 10.97 2.53 -14.95
CA GLY A 683 12.18 3.09 -14.41
C GLY A 683 11.87 4.03 -13.29
N THR A 684 12.86 4.41 -12.49
CA THR A 684 12.62 5.30 -11.37
C THR A 684 13.11 6.70 -11.73
N THR A 685 12.50 7.71 -11.14
CA THR A 685 12.90 9.08 -11.42
C THR A 685 13.87 9.58 -10.37
N CYS A 686 14.94 10.23 -10.81
CA CYS A 686 15.89 10.82 -9.89
C CYS A 686 15.32 12.09 -9.29
N ALA A 687 15.87 12.48 -8.14
CA ALA A 687 15.15 13.40 -7.28
C ALA A 687 15.27 14.84 -7.74
N ASN A 688 16.22 15.14 -8.63
CA ASN A 688 16.38 16.41 -9.33
C ASN A 688 16.83 17.54 -8.39
N ALA A 689 16.81 17.30 -7.09
CA ALA A 689 17.39 18.23 -6.14
C ALA A 689 18.55 17.58 -5.43
N LEU A 690 18.60 16.26 -5.44
CA LEU A 690 19.79 15.56 -4.97
C LEU A 690 20.88 15.61 -6.02
N SER A 691 20.55 16.06 -7.22
CA SER A 691 21.54 16.22 -8.26
C SER A 691 22.36 17.48 -8.01
N GLY A 692 23.61 17.28 -7.65
CA GLY A 692 24.50 18.41 -7.51
C GLY A 692 25.62 18.36 -8.52
N THR A 693 25.97 19.49 -9.11
CA THR A 693 27.13 19.49 -9.99
C THR A 693 28.42 19.76 -9.25
N TRP A 694 28.35 19.89 -7.93
CA TRP A 694 29.50 20.30 -7.12
C TRP A 694 30.51 19.19 -6.92
N GLY A 695 30.26 17.99 -7.42
CA GLY A 695 31.29 16.97 -7.37
C GLY A 695 32.44 17.34 -8.27
N GLU A 696 33.65 17.18 -7.74
CA GLU A 696 34.92 17.50 -8.40
C GLU A 696 35.00 18.96 -8.83
N ASN A 697 34.73 19.87 -7.90
CA ASN A 697 35.12 21.25 -8.10
C ASN A 697 36.60 21.42 -7.81
N ILE A 698 37.17 22.52 -8.29
CA ILE A 698 38.52 22.88 -7.88
C ILE A 698 38.47 23.67 -6.59
N ASP A 699 37.52 24.60 -6.50
CA ASP A 699 37.41 25.50 -5.36
C ASP A 699 36.09 25.20 -4.66
N GLY A 700 35.97 25.66 -3.42
CA GLY A 700 34.87 25.28 -2.56
C GLY A 700 33.48 25.64 -3.04
N ALA A 701 32.55 24.70 -2.90
CA ALA A 701 31.23 24.81 -3.49
C ALA A 701 30.22 25.29 -2.48
N THR A 702 29.29 26.12 -2.92
CA THR A 702 28.24 26.61 -2.05
C THR A 702 27.09 25.62 -2.02
N PHE A 703 26.33 25.64 -0.94
CA PHE A 703 25.32 24.64 -0.68
C PHE A 703 24.15 25.31 0.03
N GLN A 704 22.99 24.72 -0.12
CA GLN A 704 21.82 25.04 0.69
C GLN A 704 21.74 24.00 1.78
N ALA A 705 21.50 24.42 3.01
CA ALA A 705 21.56 23.49 4.13
C ALA A 705 20.18 23.24 4.70
N TYR A 706 19.99 22.04 5.22
CA TYR A 706 18.77 21.62 5.88
C TYR A 706 19.19 20.89 7.15
N LYS A 707 18.46 21.09 8.23
CA LYS A 707 18.93 20.63 9.52
C LYS A 707 18.11 19.47 10.03
N PHE A 708 18.75 18.33 10.25
CA PHE A 708 18.12 17.09 10.69
C PHE A 708 18.17 17.01 12.21
N ASP A 709 17.09 17.39 12.86
CA ASP A 709 17.00 17.40 14.32
C ASP A 709 16.35 16.10 14.75
N PHE A 710 17.13 15.20 15.32
CA PHE A 710 16.62 13.93 15.78
C PHE A 710 16.41 14.03 17.27
N CYS A 711 15.23 13.65 17.74
CA CYS A 711 14.91 13.75 19.16
C CYS A 711 14.11 12.54 19.58
N CYS A 712 14.62 11.80 20.56
CA CYS A 712 14.05 10.51 20.91
C CYS A 712 12.94 10.69 21.94
N ASN A 713 12.10 9.67 22.06
CA ASN A 713 11.09 9.72 23.11
C ASN A 713 11.70 9.33 24.45
N ILE A 714 12.69 8.44 24.43
CA ILE A 714 13.56 8.26 25.58
C ILE A 714 14.43 9.50 25.76
N SER A 715 14.39 10.08 26.96
CA SER A 715 15.19 11.26 27.28
C SER A 715 16.56 10.91 27.84
N GLY A 716 17.00 9.66 27.75
CA GLY A 716 18.28 9.28 28.30
C GLY A 716 19.42 9.38 27.32
N GLU A 717 19.12 9.31 26.02
CA GLU A 717 20.16 9.26 25.00
C GLU A 717 19.81 10.16 23.83
N VAL A 718 20.86 10.79 23.29
CA VAL A 718 20.75 11.86 22.31
C VAL A 718 21.28 11.37 20.97
N TYR A 719 20.65 11.85 19.90
CA TYR A 719 21.08 11.65 18.54
C TYR A 719 21.60 12.98 18.04
N SER A 720 22.65 12.94 17.25
CA SER A 720 23.23 14.19 16.77
C SER A 720 22.39 14.78 15.66
N SER A 721 22.36 16.10 15.59
CA SER A 721 21.65 16.74 14.50
C SER A 721 22.59 16.91 13.31
N PHE A 722 22.08 16.64 12.12
CA PHE A 722 22.88 16.64 10.90
C PHE A 722 22.51 17.80 10.02
N SER A 723 23.25 17.97 8.93
CA SER A 723 22.97 19.01 7.96
C SER A 723 23.07 18.41 6.58
N LEU A 724 22.00 18.49 5.83
CA LEU A 724 21.98 18.10 4.44
C LEU A 724 22.46 19.30 3.62
N LEU A 725 23.42 19.09 2.74
CA LEU A 725 24.00 20.20 1.98
C LEU A 725 23.80 19.96 0.49
N LEU A 726 22.70 20.46 -0.03
CA LEU A 726 22.31 20.27 -1.42
C LEU A 726 22.84 21.41 -2.26
N GLU A 727 22.91 21.23 -3.56
CA GLU A 727 23.21 22.37 -4.42
C GLU A 727 21.97 23.22 -4.61
N SER A 728 20.81 22.58 -4.72
CA SER A 728 19.58 23.27 -5.03
C SER A 728 18.75 23.45 -3.78
N THR A 729 17.95 24.50 -3.76
CA THR A 729 17.03 24.70 -2.67
C THR A 729 15.91 23.66 -2.73
N LEU A 730 15.40 23.29 -1.56
CA LEU A 730 14.30 22.35 -1.60
C LEU A 730 12.99 23.11 -1.73
N ALA A 731 11.91 22.35 -1.82
CA ALA A 731 10.68 22.98 -2.25
C ALA A 731 9.78 23.36 -1.10
N GLU A 732 10.35 23.64 0.08
CA GLU A 732 9.69 24.33 1.20
C GLU A 732 8.60 23.48 1.86
N ASP A 733 8.32 22.34 1.27
CA ASP A 733 7.40 21.32 1.74
C ASP A 733 8.14 20.02 1.94
N VAL A 734 9.14 19.77 1.11
CA VAL A 734 10.19 18.80 1.39
C VAL A 734 11.14 19.29 2.45
N GLY A 735 11.67 20.50 2.31
CA GLY A 735 12.74 20.93 3.19
C GLY A 735 12.23 21.55 4.46
N LYS A 736 11.01 21.27 4.83
CA LYS A 736 10.53 21.48 6.18
C LYS A 736 9.50 20.40 6.45
N VAL A 737 9.95 19.28 7.00
CA VAL A 737 9.08 18.12 7.18
C VAL A 737 9.52 17.39 8.45
N GLU A 738 8.57 16.83 9.16
CA GLU A 738 8.89 16.02 10.33
C GLU A 738 8.48 14.58 10.01
N MET A 739 9.31 13.63 10.37
CA MET A 739 9.03 12.23 10.11
C MET A 739 9.32 11.43 11.35
N ASP A 740 8.54 10.41 11.59
CA ASP A 740 8.76 9.61 12.76
C ASP A 740 9.54 8.39 12.35
N LEU A 741 10.47 7.97 13.19
CA LEU A 741 11.38 6.88 12.91
C LEU A 741 11.15 5.83 13.97
N TYR A 742 10.69 4.67 13.56
CA TYR A 742 10.33 3.65 14.51
C TYR A 742 11.52 2.71 14.60
N LEU A 743 12.36 2.91 15.59
CA LEU A 743 13.50 2.05 15.85
C LEU A 743 13.06 0.84 16.65
N VAL A 744 14.00 0.15 17.29
CA VAL A 744 13.67 -0.97 18.15
C VAL A 744 13.28 -0.42 19.51
N ARG A 745 12.00 -0.57 19.86
CA ARG A 745 11.44 -0.26 21.18
C ARG A 745 11.58 1.21 21.53
N LYS A 746 11.74 2.08 20.55
CA LYS A 746 11.83 3.51 20.77
C LYS A 746 11.43 4.22 19.50
N LEU A 747 11.13 5.51 19.60
CA LEU A 747 10.67 6.30 18.46
C LEU A 747 11.44 7.60 18.45
N VAL A 748 11.88 8.02 17.26
CA VAL A 748 12.70 9.21 17.09
C VAL A 748 11.97 10.15 16.15
N LYS A 749 11.81 11.38 16.54
CA LYS A 749 11.23 12.39 15.66
C LYS A 749 12.38 13.03 14.92
N ALA A 750 12.29 13.10 13.60
CA ALA A 750 13.31 13.69 12.76
C ALA A 750 12.72 14.91 12.08
N SER A 751 13.28 16.07 12.37
CA SER A 751 12.81 17.30 11.77
C SER A 751 13.80 17.73 10.72
N VAL A 752 13.29 18.30 9.65
CA VAL A 752 14.08 18.69 8.49
C VAL A 752 13.89 20.19 8.33
N SER A 753 13.99 20.92 9.43
CA SER A 753 13.93 22.37 9.36
C SER A 753 15.05 22.90 8.46
N PRO A 754 14.85 24.04 7.78
CA PRO A 754 15.91 24.59 6.95
C PRO A 754 17.02 25.25 7.75
N CYS A 755 17.96 25.79 7.01
CA CYS A 755 19.06 26.60 7.52
C CYS A 755 19.32 27.72 6.55
N GLY A 756 20.55 28.21 6.58
CA GLY A 756 20.96 29.17 5.57
C GLY A 756 21.74 28.52 4.45
N GLN A 757 22.03 29.32 3.44
CA GLN A 757 22.98 28.91 2.41
C GLN A 757 24.39 28.92 3.00
N ILE A 758 25.04 27.76 3.00
CA ILE A 758 26.34 27.57 3.61
C ILE A 758 27.37 27.42 2.52
N ARG A 759 28.44 28.21 2.60
CA ARG A 759 29.56 28.09 1.66
C ARG A 759 30.61 27.16 2.26
N LEU A 760 31.25 26.37 1.41
CA LEU A 760 32.30 25.46 1.81
C LEU A 760 33.54 25.66 0.95
N SER A 761 34.66 25.95 1.60
CA SER A 761 35.95 26.01 0.91
C SER A 761 36.40 24.61 0.52
N GLN A 762 37.43 24.54 -0.33
CA GLN A 762 37.88 23.26 -0.87
C GLN A 762 38.53 22.40 0.20
N GLU A 763 39.23 23.00 1.15
CA GLU A 763 39.67 22.22 2.30
C GLU A 763 38.48 21.74 3.12
N GLU A 764 37.47 22.61 3.30
CA GLU A 764 36.26 22.19 3.98
C GLU A 764 35.48 21.16 3.17
N LEU A 765 35.48 21.29 1.85
CA LEU A 765 34.72 20.39 1.01
C LEU A 765 35.36 19.01 0.99
N VAL A 766 36.69 18.95 0.97
CA VAL A 766 37.39 17.67 1.05
C VAL A 766 37.18 17.03 2.41
N LYS A 767 37.18 17.83 3.48
CA LYS A 767 36.98 17.24 4.81
C LYS A 767 35.56 16.77 5.03
N ALA A 768 34.59 17.43 4.38
CA ALA A 768 33.21 17.01 4.51
C ALA A 768 32.93 15.74 3.72
N LYS A 769 33.50 15.66 2.52
CA LYS A 769 33.43 14.43 1.74
C LYS A 769 34.15 13.29 2.44
N TYR A 770 35.26 13.59 3.13
CA TYR A 770 35.94 12.56 3.91
C TYR A 770 35.10 12.08 5.07
N PHE A 771 34.41 12.99 5.77
CA PHE A 771 33.53 12.58 6.85
C PHE A 771 32.46 11.63 6.36
N GLN A 772 31.70 12.08 5.37
CA GLN A 772 30.58 11.28 4.88
C GLN A 772 31.05 9.94 4.36
N GLN A 773 32.11 9.96 3.57
CA GLN A 773 32.59 8.77 2.91
C GLN A 773 33.17 7.81 3.93
N PHE A 774 33.85 8.34 4.94
CA PHE A 774 34.41 7.53 6.01
C PHE A 774 33.34 6.82 6.79
N PHE A 775 32.38 7.55 7.33
CA PHE A 775 31.44 6.92 8.25
C PHE A 775 30.41 6.05 7.54
N PHE A 776 29.95 6.44 6.36
CA PHE A 776 29.01 5.57 5.68
C PHE A 776 29.71 4.32 5.16
N ASN A 777 30.96 4.45 4.74
CA ASN A 777 31.69 3.27 4.28
C ASN A 777 32.18 2.43 5.43
N GLY A 778 32.39 3.03 6.58
CA GLY A 778 32.97 2.26 7.66
C GLY A 778 31.91 1.52 8.41
N MET A 779 30.72 2.07 8.48
CA MET A 779 29.67 1.31 9.14
C MET A 779 28.90 0.46 8.15
N PHE A 780 28.32 1.08 7.14
CA PHE A 780 27.39 0.36 6.29
C PHE A 780 28.15 -0.37 5.21
N GLY A 781 29.07 0.30 4.57
CA GLY A 781 29.88 -0.35 3.57
C GLY A 781 30.98 -1.19 4.17
N LYS A 782 31.93 -1.51 3.33
CA LYS A 782 33.14 -2.18 3.77
C LYS A 782 34.32 -1.26 3.50
N LEU A 783 34.69 -0.51 4.52
CA LEU A 783 35.97 0.18 4.52
C LEU A 783 37.06 -0.89 4.64
N PHE A 784 38.27 -0.54 4.20
CA PHE A 784 39.32 -1.54 3.88
C PHE A 784 38.82 -2.56 2.86
N VAL A 785 38.61 -2.09 1.64
CA VAL A 785 38.26 -2.96 0.53
C VAL A 785 39.43 -3.91 0.19
N GLY A 786 39.11 -5.19 0.11
CA GLY A 786 40.11 -6.19 -0.24
C GLY A 786 40.40 -7.18 0.87
N GLU A 795 44.90 -1.01 0.92
CA GLU A 795 43.62 -1.70 0.89
C GLU A 795 42.52 -0.78 1.42
N PHE A 796 42.91 0.38 1.93
CA PHE A 796 41.95 1.31 2.53
C PHE A 796 41.19 2.04 1.43
N LEU A 797 39.88 2.04 1.58
CA LEU A 797 38.98 2.58 0.54
C LEU A 797 39.26 4.04 0.20
N LEU A 798 39.52 4.86 1.21
CA LEU A 798 39.71 6.28 0.97
C LEU A 798 41.10 6.57 0.40
N GLN A 799 41.99 5.60 0.49
CA GLN A 799 43.26 5.70 -0.23
C GLN A 799 43.05 5.50 -1.70
N THR A 800 42.42 4.39 -2.08
CA THR A 800 42.14 4.12 -3.49
C THR A 800 41.12 5.12 -4.02
N ASP A 801 41.10 5.28 -5.34
CA ASP A 801 40.46 6.46 -5.93
C ASP A 801 38.94 6.38 -5.85
N THR A 802 38.37 7.44 -5.30
CA THR A 802 36.97 7.68 -5.09
C THR A 802 36.40 8.40 -6.31
N SER A 803 35.28 9.11 -6.12
CA SER A 803 34.57 9.96 -7.07
C SER A 803 33.83 9.14 -8.13
N SER A 804 34.08 7.85 -8.19
CA SER A 804 33.14 6.93 -8.82
C SER A 804 31.95 6.74 -7.90
N LEU A 805 32.14 6.99 -6.61
CA LEU A 805 31.14 6.72 -5.61
C LEU A 805 30.33 7.97 -5.33
N TRP A 806 30.64 9.05 -6.02
CA TRP A 806 29.90 10.30 -5.94
C TRP A 806 29.12 10.52 -7.25
N HIS A 807 27.97 9.88 -7.33
CA HIS A 807 27.17 9.98 -8.54
C HIS A 807 26.54 11.36 -8.63
N PRO A 808 26.49 11.97 -9.81
CA PRO A 808 25.90 13.32 -9.89
C PRO A 808 24.40 13.30 -9.84
N ALA A 809 23.77 12.14 -9.96
CA ALA A 809 22.32 12.08 -9.87
C ALA A 809 21.86 12.16 -8.43
N PHE A 810 22.76 11.90 -7.51
CA PHE A 810 22.47 11.68 -6.10
C PHE A 810 23.72 12.06 -5.35
N MET A 811 23.87 13.34 -5.00
CA MET A 811 24.96 13.73 -4.10
C MET A 811 24.53 14.91 -3.23
N PHE A 812 24.68 14.72 -1.92
CA PHE A 812 24.11 15.68 -1.00
C PHE A 812 24.91 16.02 0.24
N LEU A 813 25.98 15.30 0.55
CA LEU A 813 26.98 15.73 1.54
C LEU A 813 26.38 15.97 2.93
N LEU A 814 25.94 14.93 3.61
CA LEU A 814 25.28 15.20 4.88
C LEU A 814 26.20 14.87 6.06
N LEU A 815 26.33 15.85 6.95
CA LEU A 815 27.45 16.02 7.86
C LEU A 815 26.91 16.69 9.11
N PRO A 816 27.53 16.48 10.28
CA PRO A 816 26.84 16.81 11.52
C PRO A 816 26.80 18.29 11.79
N VAL A 817 26.03 18.70 12.79
CA VAL A 817 26.01 20.09 13.25
C VAL A 817 26.35 20.13 14.72
N GLU A 818 26.88 21.26 15.16
CA GLU A 818 27.30 21.45 16.55
C GLU A 818 26.17 22.03 17.36
N THR A 819 25.65 21.25 18.29
CA THR A 819 24.74 21.72 19.29
C THR A 819 24.84 20.75 20.45
N ALA A 826 22.04 25.35 13.31
CA ALA A 826 22.42 25.81 11.98
C ALA A 826 23.93 25.77 11.79
N THR A 827 24.65 25.37 12.84
CA THR A 827 26.11 25.25 12.77
C THR A 827 26.49 24.03 11.93
N ILE A 828 27.78 23.71 11.93
CA ILE A 828 28.25 22.76 10.93
C ILE A 828 29.29 21.80 11.52
N ASP A 829 29.78 22.12 12.72
CA ASP A 829 30.55 21.18 13.57
C ASP A 829 31.81 20.66 12.90
N TRP A 830 32.78 21.54 12.71
CA TRP A 830 34.02 21.10 12.08
C TRP A 830 34.90 20.33 13.05
N SER A 831 34.52 20.21 14.31
CA SER A 831 35.36 19.45 15.25
C SER A 831 35.33 17.96 14.93
N ALA A 832 34.13 17.39 14.79
CA ALA A 832 34.03 15.97 14.49
C ALA A 832 34.45 15.67 13.07
N ILE A 833 34.20 16.60 12.16
CA ILE A 833 34.61 16.42 10.77
C ILE A 833 36.12 16.49 10.64
N ASN A 834 36.75 17.39 11.40
CA ASN A 834 38.20 17.48 11.42
C ASN A 834 38.84 16.26 12.05
N SER A 835 38.22 15.72 13.11
CA SER A 835 38.76 14.52 13.72
C SER A 835 38.65 13.33 12.78
N CYS A 836 37.53 13.23 12.09
CA CYS A 836 37.33 12.18 11.11
C CYS A 836 38.28 12.32 9.93
N ALA A 837 38.49 13.53 9.44
CA ALA A 837 39.44 13.73 8.35
C ALA A 837 40.86 13.45 8.78
N SER A 838 41.19 13.78 10.04
CA SER A 838 42.52 13.47 10.56
C SER A 838 42.73 11.97 10.71
N ILE A 839 41.69 11.23 11.09
CA ILE A 839 41.84 9.77 11.17
C ILE A 839 41.81 9.16 9.77
N VAL A 840 41.27 9.87 8.79
CA VAL A 840 41.39 9.43 7.41
C VAL A 840 42.84 9.54 6.94
N GLU A 841 43.49 10.67 7.23
CA GLU A 841 44.91 10.77 6.87
C GLU A 841 45.77 9.82 7.71
N PHE A 842 45.32 9.48 8.92
CA PHE A 842 46.01 8.46 9.69
C PHE A 842 45.94 7.10 9.01
N LEU A 843 44.74 6.66 8.64
CA LEU A 843 44.60 5.32 8.09
C LEU A 843 45.16 5.23 6.68
N LYS A 844 45.27 6.37 5.99
CA LYS A 844 46.01 6.37 4.74
C LYS A 844 47.51 6.30 5.00
N LYS A 845 47.94 6.91 6.12
CA LYS A 845 49.35 6.88 6.49
C LYS A 845 49.79 5.48 6.91
N ASN A 846 48.86 4.68 7.44
CA ASN A 846 49.13 3.32 7.86
C ASN A 846 49.40 2.44 6.64
N ASN A 877 48.54 5.66 33.49
CA ASN A 877 47.40 4.75 33.51
C ASN A 877 46.65 4.74 32.18
N LEU A 878 47.20 5.44 31.19
CA LEU A 878 46.56 5.64 29.90
C LEU A 878 46.87 4.46 28.98
N ILE A 879 45.85 3.98 28.28
CA ILE A 879 46.06 2.92 27.30
C ILE A 879 46.33 3.55 25.94
N HIS A 880 46.86 2.75 25.03
CA HIS A 880 47.43 3.25 23.80
C HIS A 880 46.65 2.69 22.62
N PHE A 881 45.92 3.57 21.95
CA PHE A 881 45.37 3.19 20.66
C PHE A 881 46.44 3.34 19.60
N ALA A 882 46.14 2.88 18.38
CA ALA A 882 47.05 3.12 17.28
C ALA A 882 47.07 4.60 16.91
N ASN A 883 45.94 5.27 17.09
CA ASN A 883 45.88 6.69 16.81
C ASN A 883 46.56 7.50 17.89
N ALA A 884 46.03 7.45 19.11
CA ALA A 884 46.49 8.32 20.16
C ALA A 884 46.22 7.69 21.50
N SER A 885 46.91 8.19 22.51
CA SER A 885 46.72 7.74 23.88
C SER A 885 45.37 8.22 24.40
N SER A 886 44.87 7.57 25.45
CA SER A 886 43.63 8.01 26.04
C SER A 886 43.59 7.64 27.51
N ASP A 887 42.95 8.51 28.29
CA ASP A 887 42.69 8.24 29.69
C ASP A 887 41.80 7.02 29.82
N LYS A 888 42.10 6.18 30.80
CA LYS A 888 41.43 4.90 30.95
C LYS A 888 40.02 5.09 31.46
N ASN A 889 39.75 6.24 32.10
CA ASN A 889 38.43 6.46 32.70
C ASN A 889 37.50 7.18 31.75
N SER A 890 37.96 8.29 31.16
CA SER A 890 37.16 9.00 30.15
C SER A 890 37.43 8.37 28.79
N LEU A 891 36.86 7.17 28.63
CA LEU A 891 37.11 6.32 27.44
C LEU A 891 35.86 5.54 27.04
N GLU A 892 34.90 5.33 27.94
CA GLU A 892 33.73 4.57 27.54
C GLU A 892 32.86 5.39 26.59
N GLU A 893 32.21 4.67 25.67
CA GLU A 893 31.15 5.17 24.80
C GLU A 893 31.70 6.19 23.81
N LEU A 894 32.84 5.85 23.18
CA LEU A 894 33.46 6.74 22.21
C LEU A 894 33.70 5.97 20.92
N VAL A 895 33.73 6.69 19.80
CA VAL A 895 33.83 6.05 18.50
C VAL A 895 35.28 5.71 18.21
N VAL A 896 35.48 4.57 17.56
CA VAL A 896 36.74 3.89 17.40
C VAL A 896 36.70 3.08 16.13
N ILE A 897 37.76 3.16 15.34
CA ILE A 897 37.85 2.33 14.14
C ILE A 897 39.02 1.37 14.28
N ALA A 898 38.74 0.09 14.13
CA ALA A 898 39.78 -0.91 14.21
C ALA A 898 40.61 -0.89 12.93
N ILE A 899 41.93 -0.97 13.04
CA ILE A 899 42.75 -0.63 11.88
C ILE A 899 43.02 -1.85 11.02
N HIS A 900 42.93 -3.05 11.57
CA HIS A 900 43.36 -4.22 10.82
C HIS A 900 42.21 -4.81 10.02
N THR A 901 41.00 -4.69 10.54
CA THR A 901 39.81 -4.73 9.71
C THR A 901 39.01 -3.47 9.96
N GLY A 902 38.83 -2.69 8.90
CA GLY A 902 38.43 -1.32 9.07
C GLY A 902 36.96 -1.14 9.28
N ARG A 903 36.51 -1.41 10.49
CA ARG A 903 35.11 -1.29 10.82
C ARG A 903 35.01 -0.45 12.09
N ILE A 904 34.13 0.55 12.06
CA ILE A 904 33.96 1.43 13.21
C ILE A 904 33.28 0.68 14.34
N TYR A 905 33.85 0.80 15.53
CA TYR A 905 33.18 0.31 16.72
C TYR A 905 32.85 1.49 17.62
N SER A 906 32.34 1.18 18.79
CA SER A 906 32.08 2.16 19.82
C SER A 906 32.16 1.45 21.14
N ILE A 907 33.07 1.89 22.01
CA ILE A 907 33.54 1.08 23.12
C ILE A 907 32.57 1.21 24.27
N VAL A 908 31.83 0.15 24.58
CA VAL A 908 30.93 0.20 25.73
C VAL A 908 31.71 0.12 27.02
N GLU A 909 32.77 -0.70 27.03
CA GLU A 909 33.54 -0.90 28.28
C GLU A 909 34.90 -1.52 27.96
N ALA A 910 35.84 -1.37 28.89
CA ALA A 910 37.18 -2.00 28.82
C ALA A 910 37.16 -3.08 29.91
N VAL A 911 37.57 -4.31 29.59
CA VAL A 911 37.51 -5.39 30.62
C VAL A 911 38.35 -4.94 31.81
N SER A 912 37.78 -5.04 33.02
CA SER A 912 38.45 -4.58 34.27
C SER A 912 39.74 -5.38 34.53
N ASP A 913 39.68 -6.71 34.36
CA ASP A 913 40.89 -7.54 34.61
C ASP A 913 41.07 -8.52 33.45
N SER A 914 41.41 -8.01 32.27
CA SER A 914 41.65 -8.87 31.08
C SER A 914 42.73 -8.24 30.20
N SER A 915 43.21 -8.99 29.21
CA SER A 915 44.27 -8.51 28.34
C SER A 915 44.25 -9.29 27.04
N ALA A 916 45.33 -9.14 26.28
CA ALA A 916 45.45 -9.87 25.03
C ALA A 916 45.72 -11.35 25.27
N MET A 917 46.12 -11.72 26.49
CA MET A 917 46.37 -13.13 26.81
C MET A 917 45.12 -13.85 27.29
N SER A 918 43.99 -13.16 27.35
CA SER A 918 42.76 -13.75 27.85
C SER A 918 42.29 -14.88 26.94
N PRO A 919 41.55 -15.86 27.47
CA PRO A 919 41.07 -16.95 26.62
C PRO A 919 40.06 -16.44 25.60
N PHE A 920 40.16 -16.99 24.41
CA PHE A 920 39.49 -16.44 23.24
C PHE A 920 37.99 -16.62 23.27
N GLY A 927 38.96 -21.88 17.43
CA GLY A 927 39.98 -22.87 17.80
C GLY A 927 41.28 -22.21 18.24
N TYR A 928 41.18 -20.98 18.77
CA TYR A 928 42.34 -20.23 19.24
C TYR A 928 42.36 -20.27 20.75
N ALA A 929 43.55 -20.40 21.33
CA ALA A 929 43.64 -20.47 22.79
C ALA A 929 43.49 -19.10 23.41
N THR A 930 43.87 -18.05 22.68
CA THR A 930 43.84 -16.70 23.22
C THR A 930 43.72 -15.65 22.12
N TYR A 931 43.50 -14.41 22.55
CA TYR A 931 43.25 -13.29 21.66
C TYR A 931 44.49 -12.95 20.83
N ALA A 932 45.65 -12.95 21.46
CA ALA A 932 46.86 -12.59 20.72
C ALA A 932 47.26 -13.69 19.76
N GLU A 933 46.93 -14.94 20.07
CA GLU A 933 47.09 -16.00 19.08
C GLU A 933 46.13 -15.81 17.92
N TYR A 934 44.91 -15.34 18.22
CA TYR A 934 43.93 -15.07 17.16
C TYR A 934 44.43 -14.01 16.20
N PHE A 935 45.04 -12.96 16.72
CA PHE A 935 45.53 -11.93 15.80
C PHE A 935 46.84 -12.34 15.14
N ASN A 936 47.68 -13.10 15.84
CA ASN A 936 48.94 -13.55 15.26
C ASN A 936 48.75 -14.62 14.19
N LYS A 937 47.61 -15.30 14.18
CA LYS A 937 47.38 -16.24 13.09
C LYS A 937 46.45 -15.68 12.02
N LYS A 938 45.36 -15.02 12.41
CA LYS A 938 44.42 -14.54 11.42
C LYS A 938 44.96 -13.31 10.71
N TYR A 939 45.60 -12.41 11.44
CA TYR A 939 46.16 -11.22 10.81
C TYR A 939 47.67 -11.15 10.88
N GLY A 940 48.30 -11.97 11.71
CA GLY A 940 49.75 -12.09 11.73
C GLY A 940 50.45 -10.88 12.32
N ILE A 941 49.80 -10.19 13.24
CA ILE A 941 50.24 -8.89 13.68
C ILE A 941 50.53 -8.91 15.17
N VAL A 942 51.74 -8.52 15.53
CA VAL A 942 52.25 -8.66 16.88
C VAL A 942 51.71 -7.51 17.70
N LEU A 943 50.97 -7.83 18.75
CA LEU A 943 50.45 -6.80 19.62
C LEU A 943 51.56 -6.30 20.53
N ALA A 944 52.05 -5.09 20.26
CA ALA A 944 53.14 -4.53 21.04
C ALA A 944 52.69 -3.98 22.39
N HIS A 945 51.41 -4.12 22.73
CA HIS A 945 50.90 -3.88 24.07
C HIS A 945 49.99 -5.02 24.50
N PRO A 946 50.56 -6.14 24.96
CA PRO A 946 49.68 -7.20 25.47
C PRO A 946 49.15 -6.94 26.86
N ASN A 947 49.72 -5.97 27.58
CA ASN A 947 49.37 -5.79 28.98
C ASN A 947 48.05 -5.05 29.13
N GLN A 948 47.66 -4.31 28.11
CA GLN A 948 46.58 -3.34 28.27
C GLN A 948 45.22 -4.02 28.14
N PRO A 949 44.17 -3.49 28.76
CA PRO A 949 42.87 -4.17 28.73
C PRO A 949 42.23 -4.10 27.36
N LEU A 950 41.98 -5.26 26.78
CA LEU A 950 41.23 -5.32 25.55
C LEU A 950 39.78 -4.93 25.82
N MET A 951 39.13 -4.39 24.80
CA MET A 951 37.95 -3.56 24.98
C MET A 951 36.76 -4.27 24.33
N LYS A 952 35.68 -4.38 25.08
CA LYS A 952 34.41 -4.79 24.49
C LYS A 952 33.77 -3.58 23.85
N LEU A 953 33.34 -3.74 22.62
CA LEU A 953 32.86 -2.64 21.82
C LEU A 953 31.77 -3.11 20.89
N LYS A 954 30.64 -2.41 20.92
CA LYS A 954 29.50 -2.83 20.11
C LYS A 954 29.78 -2.57 18.65
N GLN A 955 29.44 -3.52 17.80
CA GLN A 955 29.83 -3.37 16.42
C GLN A 955 28.94 -2.37 15.71
N SER A 956 29.39 -1.98 14.54
CA SER A 956 28.57 -1.21 13.64
C SER A 956 27.73 -2.16 12.84
N HIS A 957 26.41 -2.03 12.96
CA HIS A 957 25.47 -2.85 12.22
C HIS A 957 25.06 -2.16 10.93
N HIS A 958 24.01 -2.68 10.30
CA HIS A 958 23.50 -2.06 9.09
C HIS A 958 22.20 -1.35 9.38
N ALA A 959 21.75 -0.53 8.43
CA ALA A 959 20.59 0.30 8.70
C ALA A 959 19.31 -0.48 8.44
N HIS A 960 18.20 -0.03 9.01
CA HIS A 960 17.10 -0.95 9.28
C HIS A 960 15.69 -0.46 8.98
N ASN A 961 15.50 0.49 8.06
CA ASN A 961 14.18 0.87 7.53
C ASN A 961 13.30 1.41 8.65
N LEU A 962 13.67 2.59 9.09
CA LEU A 962 13.00 3.17 10.23
C LEU A 962 11.68 3.83 9.88
N LEU A 963 11.33 3.87 8.60
CA LEU A 963 10.24 4.72 8.14
C LEU A 963 8.88 4.12 8.41
N VAL A 964 8.82 2.81 8.58
CA VAL A 964 7.57 2.08 8.77
C VAL A 964 7.64 1.51 10.17
N ASP A 965 6.49 1.34 10.79
CA ASP A 965 6.41 0.78 12.14
C ASP A 965 6.04 -0.69 12.03
N PHE A 966 7.06 -1.52 11.87
CA PHE A 966 6.84 -2.94 11.58
C PHE A 966 6.51 -3.73 12.84
N ASN A 967 7.21 -3.45 13.95
CA ASN A 967 7.01 -4.23 15.17
C ASN A 967 5.65 -3.96 15.80
N GLU A 968 4.99 -2.87 15.37
CA GLU A 968 3.77 -2.32 15.95
C GLU A 968 3.98 -1.96 17.42
N GLU A 969 5.18 -1.46 17.73
CA GLU A 969 5.62 -1.03 19.07
C GLU A 969 5.43 -2.07 20.17
N VAL A 981 6.94 -12.34 18.11
CA VAL A 981 7.42 -11.04 17.68
C VAL A 981 8.85 -10.85 18.11
N ARG A 982 9.35 -9.64 17.89
CA ARG A 982 10.74 -9.35 18.17
C ARG A 982 10.97 -9.18 19.66
N LYS A 983 11.89 -9.98 20.19
CA LYS A 983 12.19 -10.02 21.60
C LYS A 983 13.51 -9.30 21.87
N ARG A 984 13.76 -9.09 23.15
CA ARG A 984 14.93 -8.31 23.57
C ARG A 984 16.20 -9.13 23.37
N LYS A 985 16.96 -8.79 22.34
CA LYS A 985 18.17 -9.53 22.07
C LYS A 985 19.35 -8.79 22.66
N PRO A 986 20.30 -9.50 23.27
CA PRO A 986 21.46 -8.82 23.87
C PRO A 986 22.39 -8.33 22.78
N ASN A 987 23.12 -7.26 23.07
CA ASN A 987 24.14 -6.81 22.14
C ASN A 987 25.29 -7.78 22.09
N ILE A 988 25.72 -8.08 20.91
CA ILE A 988 26.96 -8.79 20.72
C ILE A 988 28.08 -7.79 20.68
N HIS A 989 29.13 -8.03 21.45
CA HIS A 989 30.26 -7.12 21.50
C HIS A 989 31.47 -7.87 21.00
N ALA A 990 32.32 -7.18 20.25
CA ALA A 990 33.62 -7.71 19.89
C ALA A 990 34.59 -7.27 20.96
N HIS A 991 35.74 -7.92 21.02
CA HIS A 991 36.75 -7.62 22.02
C HIS A 991 38.09 -7.41 21.33
N LEU A 992 38.46 -6.17 21.13
CA LEU A 992 39.73 -5.99 20.46
C LEU A 992 40.73 -5.32 21.39
N PRO A 993 42.01 -5.67 21.28
CA PRO A 993 43.03 -4.94 21.99
C PRO A 993 43.12 -3.53 21.48
N PRO A 994 43.38 -2.56 22.38
CA PRO A 994 43.24 -1.16 22.00
C PRO A 994 44.24 -0.71 20.96
N GLU A 995 45.37 -1.42 20.84
CA GLU A 995 46.31 -1.17 19.77
C GLU A 995 45.71 -1.35 18.40
N LEU A 996 44.73 -2.22 18.26
CA LEU A 996 44.10 -2.40 16.97
C LEU A 996 43.12 -1.27 16.70
N LEU A 997 42.76 -0.54 17.73
CA LEU A 997 41.76 0.48 17.58
C LEU A 997 42.42 1.83 17.34
N ALA A 998 41.72 2.71 16.64
CA ALA A 998 42.16 4.07 16.42
C ALA A 998 41.06 5.01 16.86
N ARG A 999 41.44 5.99 17.67
CA ARG A 999 40.49 6.89 18.29
C ARG A 999 39.98 7.93 17.31
N ILE A 1000 38.66 8.15 17.31
CA ILE A 1000 38.04 9.22 16.55
C ILE A 1000 37.32 10.12 17.54
N ASP A 1001 37.47 11.45 17.39
CA ASP A 1001 36.80 12.35 18.32
C ASP A 1001 35.38 12.68 17.89
N VAL A 1002 34.85 11.94 16.93
CA VAL A 1002 33.43 11.96 16.59
C VAL A 1002 32.65 11.36 17.74
N PRO A 1003 31.63 12.04 18.26
CA PRO A 1003 30.77 11.45 19.29
C PRO A 1003 29.96 10.31 18.72
N ARG A 1004 29.43 9.46 19.58
CA ARG A 1004 28.55 8.44 19.03
C ARG A 1004 27.11 8.90 19.01
N ALA A 1005 26.85 10.13 19.43
CA ALA A 1005 25.63 10.79 19.01
C ALA A 1005 25.59 10.86 17.50
N VAL A 1006 26.73 11.22 16.89
CA VAL A 1006 26.85 11.20 15.44
C VAL A 1006 26.67 9.78 14.91
N LEU A 1007 27.24 8.80 15.59
CA LEU A 1007 27.23 7.44 15.08
C LEU A 1007 25.83 6.85 15.15
N LYS A 1008 25.05 7.25 16.13
CA LYS A 1008 23.68 6.78 16.24
C LYS A 1008 22.77 7.49 15.26
N SER A 1009 23.09 8.75 14.95
CA SER A 1009 22.29 9.48 13.99
C SER A 1009 22.52 8.99 12.57
N ILE A 1010 23.70 8.45 12.30
CA ILE A 1010 23.97 7.95 10.94
C ILE A 1010 23.10 6.73 10.63
N TYR A 1011 22.69 5.97 11.64
CA TYR A 1011 21.81 4.83 11.37
C TYR A 1011 20.42 5.29 11.02
N LEU A 1012 20.10 6.53 11.33
CA LEU A 1012 18.81 7.08 11.00
C LEU A 1012 18.85 7.69 9.64
N LEU A 1013 20.03 8.10 9.18
CA LEU A 1013 20.13 8.76 7.87
C LEU A 1013 19.70 7.98 6.64
N PRO A 1014 19.84 6.65 6.53
CA PRO A 1014 19.30 6.01 5.34
C PRO A 1014 17.79 6.08 5.25
N SER A 1015 17.09 5.98 6.37
CA SER A 1015 15.64 6.08 6.28
C SER A 1015 15.21 7.52 6.13
N VAL A 1016 15.87 8.45 6.82
CA VAL A 1016 15.56 9.87 6.66
C VAL A 1016 15.83 10.33 5.25
N MET A 1017 16.92 9.90 4.65
CA MET A 1017 17.20 10.36 3.30
C MET A 1017 16.38 9.63 2.28
N HIS A 1018 15.90 8.42 2.58
CA HIS A 1018 14.95 7.79 1.67
C HIS A 1018 13.60 8.48 1.72
N ARG A 1019 13.17 8.91 2.91
CA ARG A 1019 11.95 9.70 2.98
C ARG A 1019 12.10 11.04 2.30
N LEU A 1020 13.24 11.71 2.45
CA LEU A 1020 13.39 13.00 1.79
C LEU A 1020 13.54 12.85 0.29
N GLU A 1021 14.29 11.85 -0.18
CA GLU A 1021 14.29 11.46 -1.58
C GLU A 1021 12.89 11.25 -2.11
N SER A 1022 12.04 10.55 -1.36
CA SER A 1022 10.69 10.29 -1.83
C SER A 1022 9.83 11.54 -1.85
N LEU A 1023 9.97 12.39 -0.83
CA LEU A 1023 9.23 13.65 -0.80
C LEU A 1023 9.71 14.59 -1.88
N MET A 1024 11.01 14.53 -2.21
CA MET A 1024 11.54 15.34 -3.30
C MET A 1024 10.99 14.90 -4.64
N LEU A 1025 10.86 13.59 -4.87
CA LEU A 1025 10.19 13.14 -6.08
C LEU A 1025 8.72 13.53 -6.09
N ALA A 1026 8.09 13.52 -4.92
CA ALA A 1026 6.70 13.90 -4.84
C ALA A 1026 6.51 15.37 -5.13
N SER A 1027 7.39 16.21 -4.63
CA SER A 1027 7.29 17.63 -4.92
C SER A 1027 7.71 17.94 -6.33
N GLN A 1028 8.57 17.10 -6.89
CA GLN A 1028 8.93 17.26 -8.28
C GLN A 1028 7.77 16.95 -9.19
N LEU A 1029 6.99 15.92 -8.85
CA LEU A 1029 5.74 15.63 -9.56
C LEU A 1029 4.75 16.77 -9.40
N ARG A 1030 4.66 17.33 -8.20
CA ARG A 1030 3.78 18.47 -7.96
C ARG A 1030 4.18 19.67 -8.80
N GLU A 1031 5.47 19.89 -8.98
CA GLU A 1031 5.91 20.98 -9.83
C GLU A 1031 5.68 20.70 -11.29
N GLU A 1032 5.80 19.43 -11.70
CA GLU A 1032 5.58 19.07 -13.09
C GLU A 1032 4.12 19.22 -13.48
N ILE A 1033 3.24 18.92 -12.51
CA ILE A 1033 1.76 18.99 -12.70
C ILE A 1033 1.32 20.46 -12.59
N ASP A 1034 2.11 21.27 -11.86
CA ASP A 1034 1.76 22.69 -11.56
C ASP A 1034 0.43 22.70 -10.80
N CYS A 1035 -0.45 23.64 -11.17
CA CYS A 1035 -1.85 23.92 -10.68
C CYS A 1035 -2.21 25.36 -11.04
N SER A 1036 -1.22 26.25 -10.97
CA SER A 1036 -1.36 27.72 -11.13
C SER A 1036 -2.69 28.19 -10.53
N ILE A 1037 -3.04 27.72 -9.33
CA ILE A 1037 -4.30 28.13 -8.65
C ILE A 1037 -3.92 28.98 -7.45
N ASP A 1038 -4.55 30.15 -7.32
CA ASP A 1038 -4.23 31.14 -6.25
C ASP A 1038 -4.47 30.56 -4.85
N ASN A 1039 -5.57 29.83 -4.66
CA ASN A 1039 -5.92 29.30 -3.32
C ASN A 1039 -5.53 27.83 -3.19
N PHE A 1040 -4.79 27.27 -4.15
CA PHE A 1040 -4.47 25.82 -4.08
C PHE A 1040 -3.02 25.52 -3.72
N SER A 1041 -2.84 24.54 -2.82
CA SER A 1041 -1.57 23.97 -2.39
C SER A 1041 -1.80 22.48 -2.18
N ILE A 1042 -0.83 21.67 -2.53
CA ILE A 1042 -0.90 20.24 -2.23
C ILE A 1042 0.42 19.80 -1.59
N SER A 1043 0.31 19.04 -0.51
CA SER A 1043 1.48 18.61 0.23
C SER A 1043 2.29 17.58 -0.55
N SER A 1044 3.57 17.48 -0.23
CA SER A 1044 4.39 16.46 -0.86
C SER A 1044 4.14 15.11 -0.22
N THR A 1045 3.58 15.10 0.98
CA THR A 1045 3.20 13.85 1.62
C THR A 1045 1.98 13.23 0.96
N SER A 1046 1.09 14.06 0.41
CA SER A 1046 -0.11 13.50 -0.20
C SER A 1046 0.13 13.07 -1.64
N ILE A 1047 0.93 13.83 -2.40
CA ILE A 1047 1.47 13.30 -3.65
C ILE A 1047 2.23 12.03 -3.41
N LEU A 1048 3.01 12.01 -2.33
CA LEU A 1048 3.83 10.87 -1.98
C LEU A 1048 3.00 9.63 -1.72
N GLU A 1049 1.92 9.78 -0.97
CA GLU A 1049 1.09 8.61 -0.77
C GLU A 1049 0.33 8.26 -2.02
N ALA A 1050 0.08 9.23 -2.90
CA ALA A 1050 -0.65 8.95 -4.12
C ALA A 1050 0.19 8.19 -5.11
N VAL A 1051 1.51 8.21 -4.98
CA VAL A 1051 2.30 7.42 -5.91
C VAL A 1051 2.75 6.11 -5.29
N THR A 1052 2.34 5.82 -4.06
CA THR A 1052 2.95 4.72 -3.34
C THR A 1052 2.09 3.47 -3.39
N THR A 1053 2.52 2.50 -4.16
CA THR A 1053 1.84 1.23 -4.33
C THR A 1053 1.94 0.45 -3.03
N LEU A 1054 0.97 -0.41 -2.79
CA LEU A 1054 0.92 -1.22 -1.56
C LEU A 1054 1.99 -2.31 -1.46
N THR A 1055 2.67 -2.62 -2.56
CA THR A 1055 3.80 -3.58 -2.53
C THR A 1055 4.89 -2.97 -1.63
N CYS A 1056 4.81 -1.64 -1.41
CA CYS A 1056 5.73 -0.81 -0.58
C CYS A 1056 5.19 -0.78 0.85
N PRO A 1057 5.76 -1.61 1.76
CA PRO A 1057 5.33 -1.66 3.16
C PRO A 1057 5.63 -0.25 3.66
N GLU A 1058 4.59 0.40 4.15
CA GLU A 1058 4.61 1.81 4.51
C GLU A 1058 3.38 2.05 5.36
N SER A 1059 3.26 3.25 5.90
CA SER A 1059 2.03 3.63 6.58
C SER A 1059 0.96 4.04 5.58
N PHE A 1060 1.38 4.58 4.44
CA PHE A 1060 0.47 5.05 3.40
C PHE A 1060 0.53 4.17 2.16
N SER A 1061 -0.58 4.10 1.42
CA SER A 1061 -0.50 3.13 0.35
C SER A 1061 -1.30 3.41 -0.90
N MET A 1062 -1.74 4.63 -1.17
CA MET A 1062 -2.47 5.08 -2.37
C MET A 1062 -3.85 4.47 -2.59
N GLU A 1063 -4.21 3.43 -1.84
CA GLU A 1063 -5.34 2.61 -2.22
C GLU A 1063 -6.64 3.34 -1.99
N ARG A 1064 -6.68 4.14 -0.93
CA ARG A 1064 -7.88 4.89 -0.66
C ARG A 1064 -7.98 6.07 -1.61
N LEU A 1065 -6.85 6.70 -1.92
CA LEU A 1065 -6.88 7.81 -2.85
C LEU A 1065 -7.25 7.35 -4.24
N GLU A 1066 -6.99 6.10 -4.58
CA GLU A 1066 -7.33 5.67 -5.92
C GLU A 1066 -8.73 5.12 -5.99
N LEU A 1067 -9.33 4.74 -4.85
CA LEU A 1067 -10.79 4.61 -4.84
C LEU A 1067 -11.47 5.97 -4.99
N LEU A 1068 -11.01 6.95 -4.23
CA LEU A 1068 -11.55 8.31 -4.35
C LEU A 1068 -11.38 8.85 -5.75
N GLY A 1069 -10.26 8.57 -6.39
CA GLY A 1069 -10.02 9.15 -7.69
C GLY A 1069 -10.68 8.41 -8.82
N ASP A 1070 -10.91 7.10 -8.65
CA ASP A 1070 -11.84 6.39 -9.50
C ASP A 1070 -13.18 7.09 -9.55
N SER A 1071 -13.67 7.52 -8.40
CA SER A 1071 -15.02 8.06 -8.43
C SER A 1071 -15.07 9.54 -8.80
N VAL A 1072 -14.02 10.30 -8.46
CA VAL A 1072 -13.89 11.66 -9.00
C VAL A 1072 -13.85 11.62 -10.51
N LEU A 1073 -13.00 10.71 -11.03
CA LEU A 1073 -12.81 10.55 -12.50
C LEU A 1073 -14.11 10.09 -13.16
N LYS A 1074 -14.85 9.19 -12.51
CA LYS A 1074 -16.09 8.70 -13.08
C LYS A 1074 -17.17 9.77 -13.06
N TYR A 1075 -17.24 10.55 -11.99
CA TYR A 1075 -18.09 11.74 -11.95
C TYR A 1075 -17.77 12.70 -13.07
N VAL A 1076 -16.52 13.11 -13.14
CA VAL A 1076 -16.09 14.14 -14.07
C VAL A 1076 -16.25 13.69 -15.50
N ALA A 1077 -15.98 12.41 -15.76
CA ALA A 1077 -16.15 11.86 -17.09
C ALA A 1077 -17.62 11.77 -17.46
N SER A 1078 -18.48 11.41 -16.50
CA SER A 1078 -19.89 11.29 -16.81
C SER A 1078 -20.51 12.66 -17.00
N CYS A 1079 -20.13 13.61 -16.15
CA CYS A 1079 -20.67 14.95 -16.26
C CYS A 1079 -20.19 15.63 -17.52
N HIS A 1080 -18.97 15.35 -17.92
CA HIS A 1080 -18.46 15.92 -19.16
C HIS A 1080 -19.12 15.31 -20.38
N LEU A 1081 -19.32 13.99 -20.40
CA LEU A 1081 -19.99 13.41 -21.57
C LEU A 1081 -21.47 13.75 -21.59
N PHE A 1082 -22.06 13.95 -20.41
CA PHE A 1082 -23.45 14.37 -20.35
C PHE A 1082 -23.63 15.75 -20.93
N LEU A 1083 -22.74 16.67 -20.57
CA LEU A 1083 -22.89 18.03 -21.02
C LEU A 1083 -22.36 18.21 -22.42
N LYS A 1084 -21.37 17.42 -22.80
CA LYS A 1084 -20.75 17.58 -24.10
C LYS A 1084 -21.66 17.04 -25.18
N TYR A 1085 -22.25 15.88 -24.94
CA TYR A 1085 -23.11 15.23 -25.92
C TYR A 1085 -24.53 15.25 -25.41
N PRO A 1086 -25.35 16.23 -25.78
CA PRO A 1086 -26.74 16.22 -25.31
C PRO A 1086 -27.62 15.25 -26.04
N ASP A 1087 -27.11 14.46 -26.98
CA ASP A 1087 -27.98 13.56 -27.70
C ASP A 1087 -27.68 12.10 -27.43
N LYS A 1088 -26.53 11.78 -26.85
CA LYS A 1088 -26.23 10.39 -26.59
C LYS A 1088 -26.92 9.90 -25.33
N ASP A 1089 -27.56 8.75 -25.42
CA ASP A 1089 -28.35 8.16 -24.36
C ASP A 1089 -27.46 7.38 -23.40
N GLU A 1090 -28.08 6.59 -22.51
CA GLU A 1090 -27.38 5.96 -21.40
C GLU A 1090 -26.30 5.00 -21.87
N GLY A 1091 -26.48 4.39 -23.04
CA GLY A 1091 -25.58 3.34 -23.44
C GLY A 1091 -24.31 3.86 -24.06
N GLN A 1092 -24.43 4.83 -24.97
CA GLN A 1092 -23.22 5.32 -25.62
C GLN A 1092 -22.53 6.37 -24.76
N LEU A 1093 -23.26 7.06 -23.90
CA LEU A 1093 -22.59 7.78 -22.81
C LEU A 1093 -21.84 6.81 -21.91
N SER A 1094 -22.42 5.66 -21.59
CA SER A 1094 -21.77 4.74 -20.68
C SER A 1094 -20.57 4.08 -21.33
N ARG A 1095 -20.64 3.82 -22.62
CA ARG A 1095 -19.50 3.25 -23.32
C ARG A 1095 -18.41 4.28 -23.55
N GLN A 1096 -18.78 5.52 -23.81
CA GLN A 1096 -17.79 6.56 -23.97
C GLN A 1096 -17.09 6.84 -22.65
N ARG A 1097 -17.82 6.66 -21.55
CA ARG A 1097 -17.18 6.70 -20.24
C ARG A 1097 -16.25 5.53 -20.04
N GLN A 1098 -16.65 4.32 -20.47
CA GLN A 1098 -15.74 3.17 -20.38
C GLN A 1098 -14.46 3.40 -21.17
N SER A 1099 -14.52 4.21 -22.22
CA SER A 1099 -13.27 4.56 -22.90
C SER A 1099 -12.50 5.61 -22.13
N ILE A 1100 -13.19 6.49 -21.41
CA ILE A 1100 -12.45 7.52 -20.67
C ILE A 1100 -11.84 6.96 -19.38
N ILE A 1101 -12.58 6.17 -18.61
CA ILE A 1101 -12.23 5.87 -17.22
C ILE A 1101 -11.51 4.54 -17.05
N SER A 1102 -11.15 3.86 -18.15
CA SER A 1102 -10.62 2.51 -18.05
C SER A 1102 -9.29 2.47 -17.33
N ASN A 1103 -8.86 1.29 -16.90
CA ASN A 1103 -7.49 1.20 -16.47
C ASN A 1103 -6.56 1.21 -17.66
N SER A 1104 -7.06 0.81 -18.83
CA SER A 1104 -6.25 0.87 -20.04
C SER A 1104 -6.06 2.30 -20.51
N ASN A 1105 -7.10 3.13 -20.42
CA ASN A 1105 -6.94 4.53 -20.76
C ASN A 1105 -6.07 5.26 -19.77
N LEU A 1106 -6.28 5.02 -18.47
CA LEU A 1106 -5.48 5.74 -17.49
C LEU A 1106 -4.05 5.24 -17.49
N HIS A 1107 -3.83 3.98 -17.82
CA HIS A 1107 -2.47 3.50 -17.98
C HIS A 1107 -1.81 4.14 -19.18
N ARG A 1108 -2.53 4.30 -20.29
CA ARG A 1108 -2.01 5.02 -21.45
C ARG A 1108 -1.65 6.46 -21.10
N LEU A 1109 -2.52 7.16 -20.40
CA LEU A 1109 -2.30 8.58 -20.17
C LEU A 1109 -1.31 8.82 -19.04
N THR A 1110 -1.06 7.81 -18.24
CA THR A 1110 -0.07 7.94 -17.20
C THR A 1110 1.31 7.62 -17.71
N THR A 1111 1.45 6.54 -18.47
CA THR A 1111 2.75 6.20 -19.02
C THR A 1111 3.19 7.20 -20.09
N SER A 1112 2.24 7.79 -20.82
CA SER A 1112 2.62 8.80 -21.80
C SER A 1112 3.12 10.06 -21.13
N ARG A 1113 2.60 10.35 -19.97
CA ARG A 1113 2.93 11.54 -19.20
C ARG A 1113 4.14 11.30 -18.31
N LYS A 1114 4.67 10.08 -18.34
CA LYS A 1114 5.85 9.65 -17.60
C LYS A 1114 5.64 9.81 -16.11
N LEU A 1115 4.45 9.46 -15.66
CA LEU A 1115 4.12 9.46 -14.27
C LEU A 1115 4.39 8.11 -13.63
N GLN A 1116 4.85 7.14 -14.41
CA GLN A 1116 5.15 5.84 -13.82
C GLN A 1116 6.52 5.81 -13.21
N GLY A 1117 7.33 6.83 -13.46
CA GLY A 1117 8.61 6.89 -12.80
C GLY A 1117 8.50 7.32 -11.37
N TYR A 1118 7.40 7.97 -11.02
CA TYR A 1118 7.24 8.44 -9.65
C TYR A 1118 6.66 7.39 -8.75
N ILE A 1119 6.24 6.27 -9.30
CA ILE A 1119 5.61 5.19 -8.55
C ILE A 1119 6.55 4.64 -7.50
N ARG A 1120 6.09 4.67 -6.25
CA ARG A 1120 6.91 4.19 -5.10
C ARG A 1120 6.57 2.74 -4.81
N ASN A 1121 6.58 1.90 -5.84
CA ASN A 1121 6.28 0.45 -5.68
C ASN A 1121 7.58 -0.27 -5.29
N GLY A 1122 8.10 -0.02 -4.08
CA GLY A 1122 9.35 -0.67 -3.66
C GLY A 1122 9.34 -1.03 -2.18
N ALA A 1123 9.98 -2.15 -1.84
CA ALA A 1123 10.03 -2.62 -0.42
C ALA A 1123 10.81 -1.62 0.43
N PHE A 1124 11.89 -1.08 -0.15
CA PHE A 1124 12.88 -0.13 0.43
C PHE A 1124 13.91 -0.85 1.30
N GLU A 1125 14.90 -1.47 0.67
CA GLU A 1125 16.02 -2.06 1.37
C GLU A 1125 16.91 -0.97 1.92
N PRO A 1126 17.01 -0.83 3.24
CA PRO A 1126 17.94 0.16 3.78
C PRO A 1126 19.36 -0.34 3.77
N ARG A 1127 19.50 -1.64 3.64
CA ARG A 1127 20.80 -2.27 3.48
C ARG A 1127 21.43 -1.84 2.18
N ARG A 1128 20.59 -1.56 1.19
CA ARG A 1128 21.04 -1.25 -0.15
C ARG A 1128 21.20 0.26 -0.32
N TRP A 1129 20.60 1.04 0.58
CA TRP A 1129 20.75 2.49 0.54
C TRP A 1129 22.20 2.89 0.70
N THR A 1130 22.77 3.45 -0.36
CA THR A 1130 24.14 3.91 -0.24
C THR A 1130 24.21 5.40 -0.43
N ALA A 1131 24.80 6.05 0.57
CA ALA A 1131 25.16 7.46 0.54
C ALA A 1131 26.15 7.71 -0.57
N PRO A 1132 26.30 8.96 -1.00
CA PRO A 1132 27.35 9.27 -1.97
C PRO A 1132 28.71 9.14 -1.33
N GLY A 1133 29.58 8.39 -1.97
CA GLY A 1133 30.83 8.04 -1.37
C GLY A 1133 30.82 6.65 -0.77
N GLN A 1134 29.65 6.10 -0.49
CA GLN A 1134 29.61 4.75 0.00
C GLN A 1134 29.75 3.77 -1.15
N PHE A 1135 30.41 2.66 -0.88
CA PHE A 1135 30.88 1.74 -1.89
C PHE A 1135 29.78 1.01 -2.67
N SER A 1136 28.58 0.82 -2.11
CA SER A 1136 27.56 -0.15 -2.57
C SER A 1136 28.02 -1.59 -2.46
N LEU A 1137 28.01 -2.08 -1.21
CA LEU A 1137 28.19 -3.50 -0.95
C LEU A 1137 27.09 -4.37 -1.53
N PHE A 1138 25.94 -3.78 -1.83
CA PHE A 1138 24.83 -4.59 -2.33
C PHE A 1138 24.38 -4.09 -3.68
N PRO A 1139 25.10 -4.33 -4.74
CA PRO A 1139 24.64 -3.82 -6.02
C PRO A 1139 23.69 -4.77 -6.72
N VAL A 1140 22.70 -4.24 -7.41
CA VAL A 1140 21.85 -5.02 -8.30
C VAL A 1140 22.18 -4.57 -9.71
N PRO A 1141 23.14 -5.20 -10.38
CA PRO A 1141 23.63 -4.68 -11.66
C PRO A 1141 22.57 -4.85 -12.76
N CYS A 1142 22.37 -3.77 -13.51
CA CYS A 1142 21.21 -3.61 -14.39
C CYS A 1142 21.31 -4.58 -15.57
N LYS A 1143 20.83 -5.80 -15.34
CA LYS A 1143 20.65 -6.76 -16.42
C LYS A 1143 19.26 -6.71 -16.99
N CYS A 1144 18.60 -5.57 -16.88
CA CYS A 1144 17.26 -5.37 -17.39
C CYS A 1144 17.23 -5.11 -18.88
N GLY A 1145 18.38 -5.05 -19.53
CA GLY A 1145 18.49 -5.03 -20.95
C GLY A 1145 18.52 -3.65 -21.55
N ILE A 1146 17.92 -2.68 -20.90
CA ILE A 1146 17.90 -1.30 -21.35
C ILE A 1146 19.07 -0.59 -20.66
N ASP A 1147 19.73 0.30 -21.39
CA ASP A 1147 20.93 0.92 -20.85
C ASP A 1147 20.68 2.38 -20.53
N THR A 1148 19.63 2.96 -21.09
CA THR A 1148 19.22 4.28 -20.66
C THR A 1148 18.41 4.15 -19.37
N ARG A 1149 18.14 5.29 -18.76
CA ARG A 1149 17.49 5.26 -17.45
C ARG A 1149 16.02 4.92 -17.60
N GLU A 1150 15.26 5.75 -18.30
CA GLU A 1150 13.82 5.62 -18.42
C GLU A 1150 13.51 4.61 -19.53
N VAL A 1151 12.80 3.54 -19.20
CA VAL A 1151 12.52 2.54 -20.23
C VAL A 1151 11.42 3.05 -21.15
N PRO A 1152 11.36 2.59 -22.39
CA PRO A 1152 10.22 2.94 -23.23
C PRO A 1152 9.17 1.85 -23.16
N LEU A 1153 7.90 2.20 -23.23
CA LEU A 1153 6.87 1.18 -23.19
C LEU A 1153 6.83 0.38 -24.47
N ASP A 1154 7.50 -0.78 -24.43
CA ASP A 1154 7.47 -1.76 -25.50
C ASP A 1154 7.32 -3.12 -24.86
N PRO A 1155 6.76 -4.06 -25.55
CA PRO A 1155 6.82 -5.43 -25.03
C PRO A 1155 8.23 -5.96 -25.11
N LYS A 1156 8.50 -7.05 -24.36
CA LYS A 1156 9.72 -7.62 -23.78
C LYS A 1156 10.06 -6.88 -22.49
N PHE A 1157 9.40 -5.77 -22.26
CA PHE A 1157 9.35 -5.15 -20.95
C PHE A 1157 8.00 -5.40 -20.32
N PHE A 1158 7.26 -6.36 -20.83
CA PHE A 1158 5.99 -6.83 -20.29
C PHE A 1158 6.22 -8.28 -19.95
N THR A 1159 5.63 -8.76 -18.85
CA THR A 1159 5.77 -10.15 -18.49
C THR A 1159 4.49 -10.63 -17.85
N GLU A 1160 4.01 -11.78 -18.27
CA GLU A 1160 2.81 -12.35 -17.71
C GLU A 1160 3.10 -13.36 -16.62
N ASN A 1161 4.35 -13.75 -16.41
CA ASN A 1161 4.59 -14.94 -15.60
C ASN A 1161 4.63 -14.62 -14.12
N MET A 1162 4.67 -15.68 -13.30
CA MET A 1162 5.03 -15.57 -11.90
C MET A 1162 6.54 -15.42 -11.78
N THR A 1163 7.05 -15.71 -10.59
CA THR A 1163 8.46 -15.70 -10.17
C THR A 1163 9.21 -14.39 -10.45
N ILE A 1164 8.53 -13.35 -10.91
CA ILE A 1164 9.16 -12.07 -11.19
C ILE A 1164 8.94 -11.23 -9.94
N LYS A 1165 9.90 -10.38 -9.62
CA LYS A 1165 9.86 -9.72 -8.33
C LYS A 1165 9.35 -8.30 -8.52
N ILE A 1166 8.12 -8.06 -8.13
CA ILE A 1166 7.49 -6.76 -8.29
C ILE A 1166 8.07 -5.83 -7.24
N GLY A 1167 8.70 -4.75 -7.68
CA GLY A 1167 9.23 -3.74 -6.81
C GLY A 1167 10.74 -3.67 -6.78
N LYS A 1168 11.43 -4.80 -6.95
CA LYS A 1168 12.86 -4.83 -6.75
C LYS A 1168 13.63 -4.09 -7.83
N SER A 1169 14.19 -2.95 -7.46
CA SER A 1169 14.94 -2.12 -8.39
C SER A 1169 16.23 -2.80 -8.76
N CYS A 1170 16.75 -2.44 -9.92
CA CYS A 1170 18.13 -2.68 -10.25
C CYS A 1170 18.89 -1.39 -9.94
N ASP A 1171 20.19 -1.36 -10.23
CA ASP A 1171 20.96 -0.18 -9.84
C ASP A 1171 20.73 0.98 -10.79
N MET A 1172 20.17 0.71 -11.95
CA MET A 1172 19.82 1.79 -12.85
C MET A 1172 18.38 2.21 -12.63
N GLY A 1173 17.74 1.64 -11.62
CA GLY A 1173 16.44 2.11 -11.18
C GLY A 1173 15.26 1.42 -11.79
N HIS A 1174 15.45 0.34 -12.54
CA HIS A 1174 14.31 -0.29 -13.19
C HIS A 1174 13.73 -1.36 -12.31
N ARG A 1175 12.41 -1.51 -12.34
CA ARG A 1175 11.76 -2.46 -11.48
C ARG A 1175 10.45 -2.88 -12.10
N TRP A 1176 9.88 -3.97 -11.61
CA TRP A 1176 8.65 -4.51 -12.16
C TRP A 1176 7.43 -3.85 -11.54
N VAL A 1177 6.53 -3.35 -12.38
CA VAL A 1177 5.35 -2.64 -11.92
C VAL A 1177 4.15 -3.46 -12.36
N VAL A 1178 3.09 -3.50 -11.56
CA VAL A 1178 1.97 -4.41 -11.76
C VAL A 1178 1.12 -3.98 -12.95
N SER A 1179 1.19 -2.71 -13.31
CA SER A 1179 0.52 -2.00 -14.40
C SER A 1179 -0.94 -1.74 -14.12
N LYS A 1180 -1.51 -2.40 -13.14
CA LYS A 1180 -2.72 -1.91 -12.54
C LYS A 1180 -2.38 -0.76 -11.64
N SER A 1181 -1.16 -0.77 -11.10
CA SER A 1181 -0.75 0.26 -10.17
C SER A 1181 -0.35 1.53 -10.89
N VAL A 1182 -0.07 1.44 -12.18
CA VAL A 1182 0.11 2.65 -12.97
C VAL A 1182 -1.21 3.41 -13.10
N SER A 1183 -2.27 2.69 -13.46
CA SER A 1183 -3.61 3.26 -13.51
C SER A 1183 -4.07 3.68 -12.13
N ASP A 1184 -3.66 2.94 -11.11
CA ASP A 1184 -3.94 3.34 -9.75
C ASP A 1184 -3.23 4.63 -9.40
N CYS A 1185 -2.04 4.82 -9.99
CA CYS A 1185 -1.26 6.08 -9.78
C CYS A 1185 -2.11 7.23 -10.32
N ALA A 1186 -2.55 7.11 -11.58
CA ALA A 1186 -3.42 8.10 -12.19
C ALA A 1186 -4.59 8.44 -11.31
N GLU A 1187 -5.34 7.43 -10.90
CA GLU A 1187 -6.53 7.65 -10.08
C GLU A 1187 -6.16 8.19 -8.71
N ALA A 1188 -4.99 7.83 -8.19
CA ALA A 1188 -4.62 8.26 -6.86
C ALA A 1188 -4.17 9.71 -6.87
N LEU A 1189 -3.67 10.19 -8.00
CA LEU A 1189 -3.37 11.62 -8.10
C LEU A 1189 -4.60 12.43 -8.46
N ILE A 1190 -5.56 11.82 -9.14
CA ILE A 1190 -6.87 12.45 -9.29
C ILE A 1190 -7.52 12.65 -7.93
N GLY A 1191 -7.46 11.63 -7.08
CA GLY A 1191 -7.99 11.74 -5.74
C GLY A 1191 -7.17 12.63 -4.83
N ALA A 1192 -5.85 12.69 -5.02
CA ALA A 1192 -5.03 13.53 -4.17
C ALA A 1192 -5.24 15.00 -4.48
N TYR A 1193 -5.30 15.35 -5.76
CA TYR A 1193 -5.66 16.72 -6.08
C TYR A 1193 -7.13 16.99 -5.79
N TYR A 1194 -7.96 15.95 -5.70
CA TYR A 1194 -9.32 16.20 -5.22
C TYR A 1194 -9.33 16.60 -3.76
N VAL A 1195 -8.60 15.89 -2.92
CA VAL A 1195 -8.59 16.19 -1.49
C VAL A 1195 -8.00 17.57 -1.23
N SER A 1196 -6.96 17.93 -1.97
CA SER A 1196 -6.28 19.18 -1.65
C SER A 1196 -6.93 20.37 -2.35
N GLY A 1197 -7.55 20.17 -3.49
CA GLY A 1197 -8.02 21.35 -4.18
C GLY A 1197 -9.48 21.35 -4.52
N GLY A 1198 -10.19 20.35 -4.09
CA GLY A 1198 -11.56 20.25 -4.47
C GLY A 1198 -11.67 19.70 -5.86
N LEU A 1199 -12.80 20.00 -6.49
CA LEU A 1199 -13.07 19.45 -7.80
C LEU A 1199 -12.18 20.08 -8.86
N SER A 1200 -11.80 21.34 -8.66
CA SER A 1200 -11.17 22.09 -9.74
C SER A 1200 -9.72 21.67 -9.93
N ALA A 1201 -9.00 21.44 -8.84
CA ALA A 1201 -7.63 20.98 -8.97
C ALA A 1201 -7.55 19.54 -9.39
N SER A 1202 -8.53 18.73 -9.00
CA SER A 1202 -8.57 17.37 -9.49
C SER A 1202 -8.85 17.34 -10.98
N LEU A 1203 -9.71 18.23 -11.42
CA LEU A 1203 -9.97 18.43 -12.84
C LEU A 1203 -8.72 18.92 -13.57
N HIS A 1204 -7.89 19.72 -12.90
CA HIS A 1204 -6.61 20.12 -13.48
C HIS A 1204 -5.67 18.94 -13.61
N MET A 1205 -5.59 18.10 -12.58
CA MET A 1205 -4.79 16.88 -12.62
C MET A 1205 -5.26 15.97 -13.75
N MET A 1206 -6.57 15.89 -13.95
CA MET A 1206 -7.12 15.11 -15.03
C MET A 1206 -6.76 15.68 -16.39
N LYS A 1207 -6.83 17.00 -16.56
CA LYS A 1207 -6.43 17.56 -17.85
C LYS A 1207 -4.93 17.49 -18.05
N TRP A 1208 -4.18 17.52 -16.95
CA TRP A 1208 -2.73 17.40 -17.03
C TRP A 1208 -2.34 16.01 -17.48
N LEU A 1209 -3.05 14.98 -17.01
CA LEU A 1209 -2.86 13.65 -17.55
C LEU A 1209 -3.26 13.59 -19.02
N GLY A 1210 -4.20 14.43 -19.41
CA GLY A 1210 -4.80 14.37 -20.71
C GLY A 1210 -6.09 13.62 -20.74
N ILE A 1211 -6.83 13.59 -19.62
CA ILE A 1211 -8.18 13.02 -19.63
C ILE A 1211 -9.08 13.95 -20.44
N ASP A 1212 -9.85 13.37 -21.35
CA ASP A 1212 -10.67 14.16 -22.26
C ASP A 1212 -11.89 14.69 -21.51
N VAL A 1213 -11.68 15.72 -20.68
CA VAL A 1213 -12.71 16.40 -19.90
C VAL A 1213 -12.34 17.87 -19.94
N ASP A 1214 -13.32 18.77 -19.89
CA ASP A 1214 -12.94 20.18 -19.91
C ASP A 1214 -13.87 21.04 -19.07
N PHE A 1215 -15.15 20.64 -18.96
CA PHE A 1215 -16.21 21.23 -18.13
C PHE A 1215 -16.76 22.61 -18.49
N ASP A 1216 -16.09 23.37 -19.41
CA ASP A 1216 -16.63 24.38 -20.34
C ASP A 1216 -17.91 25.06 -19.87
N PRO A 1217 -17.86 25.93 -18.87
CA PRO A 1217 -19.03 26.13 -17.98
C PRO A 1217 -20.29 26.71 -18.63
N ASN A 1218 -20.17 27.52 -19.68
CA ASN A 1218 -21.35 27.95 -20.43
C ASN A 1218 -22.07 26.79 -21.09
N LEU A 1219 -21.33 25.72 -21.42
CA LEU A 1219 -21.90 24.46 -21.87
C LEU A 1219 -22.95 23.93 -20.89
N VAL A 1220 -22.72 24.07 -19.59
CA VAL A 1220 -23.74 23.63 -18.65
C VAL A 1220 -24.93 24.57 -18.74
N VAL A 1221 -24.66 25.85 -19.01
CA VAL A 1221 -25.69 26.84 -19.29
C VAL A 1221 -26.40 26.47 -20.57
N GLU A 1222 -25.66 25.93 -21.54
CA GLU A 1222 -26.28 25.52 -22.80
C GLU A 1222 -27.25 24.37 -22.58
N ALA A 1223 -27.00 23.56 -21.54
CA ALA A 1223 -27.96 22.53 -21.16
C ALA A 1223 -29.25 23.14 -20.65
N ILE A 1224 -29.15 24.20 -19.84
CA ILE A 1224 -30.34 24.97 -19.48
C ILE A 1224 -30.93 25.63 -20.73
N ASN A 1225 -30.09 25.92 -21.73
CA ASN A 1225 -30.61 26.43 -23.00
C ASN A 1225 -31.07 25.30 -23.93
N ARG A 1226 -30.92 24.04 -23.52
CA ARG A 1226 -31.75 23.00 -24.14
C ARG A 1226 -33.00 22.77 -23.31
N VAL A 1227 -33.09 23.44 -22.16
CA VAL A 1227 -34.21 23.26 -21.24
C VAL A 1227 -35.19 24.41 -21.36
N SER A 1228 -34.67 25.63 -21.54
CA SER A 1228 -35.53 26.79 -21.66
C SER A 1228 -36.32 26.79 -22.96
N LEU A 1229 -35.76 26.18 -24.01
CA LEU A 1229 -36.45 26.09 -25.29
C LEU A 1229 -37.63 25.14 -25.20
N ARG A 1230 -37.51 24.09 -24.40
CA ARG A 1230 -38.66 23.25 -24.12
C ARG A 1230 -39.57 23.95 -23.12
N CYS A 1231 -40.88 23.74 -23.29
CA CYS A 1231 -41.88 24.56 -22.60
C CYS A 1231 -42.30 23.96 -21.25
N TYR A 1232 -41.35 23.32 -20.56
CA TYR A 1232 -41.32 22.99 -19.13
C TYR A 1232 -42.24 21.85 -18.70
N ILE A 1233 -43.30 21.63 -19.49
CA ILE A 1233 -44.50 20.83 -19.19
C ILE A 1233 -44.81 20.76 -17.68
N PRO A 1234 -45.19 21.87 -17.01
CA PRO A 1234 -45.49 21.76 -15.57
C PRO A 1234 -46.98 21.60 -15.30
N LYS A 1235 -47.57 20.47 -15.68
CA LYS A 1235 -49.02 20.40 -15.88
C LYS A 1235 -49.82 20.36 -14.59
N GLU A 1236 -49.73 19.28 -13.81
CA GLU A 1236 -50.55 19.11 -12.63
C GLU A 1236 -49.84 19.60 -11.38
N ASP A 1237 -48.80 20.44 -11.55
CA ASP A 1237 -47.91 20.94 -10.48
C ASP A 1237 -47.21 19.80 -9.74
N GLU A 1238 -47.05 18.70 -10.48
CA GLU A 1238 -46.48 17.45 -9.97
C GLU A 1238 -45.09 17.68 -9.37
N LEU A 1239 -44.29 18.49 -10.06
CA LEU A 1239 -42.93 18.81 -9.65
C LEU A 1239 -42.91 19.43 -8.27
N ILE A 1240 -43.93 20.26 -7.97
CA ILE A 1240 -44.04 20.91 -6.66
C ILE A 1240 -44.06 19.88 -5.54
N GLU A 1241 -44.93 18.87 -5.67
CA GLU A 1241 -44.96 17.83 -4.64
C GLU A 1241 -43.65 17.09 -4.61
N LEU A 1242 -43.08 16.83 -5.79
CA LEU A 1242 -41.81 16.13 -5.85
C LEU A 1242 -40.71 16.96 -5.24
N GLU A 1243 -40.77 18.27 -5.42
CA GLU A 1243 -39.67 19.05 -4.89
C GLU A 1243 -39.87 19.26 -3.40
N ARG A 1244 -41.13 19.23 -2.93
CA ARG A 1244 -41.36 19.27 -1.49
C ARG A 1244 -41.06 17.92 -0.85
N LYS A 1245 -40.72 16.91 -1.66
CA LYS A 1245 -40.18 15.68 -1.10
C LYS A 1245 -38.67 15.72 -1.04
N ILE A 1246 -38.03 16.49 -1.93
CA ILE A 1246 -36.56 16.48 -1.97
C ILE A 1246 -35.96 17.80 -1.55
N GLN A 1247 -36.78 18.81 -1.26
CA GLN A 1247 -36.37 20.07 -0.65
C GLN A 1247 -35.36 20.81 -1.51
N HIS A 1248 -35.65 20.85 -2.80
CA HIS A 1248 -34.85 21.62 -3.73
C HIS A 1248 -35.81 22.42 -4.58
N GLU A 1249 -35.38 23.57 -5.08
CA GLU A 1249 -36.34 24.47 -5.70
C GLU A 1249 -36.58 24.13 -7.17
N PHE A 1250 -35.54 23.69 -7.88
CA PHE A 1250 -35.56 23.45 -9.33
C PHE A 1250 -35.94 24.70 -10.11
N SER A 1251 -34.93 25.52 -10.35
CA SER A 1251 -35.03 26.74 -11.15
C SER A 1251 -35.22 26.48 -12.65
N ALA A 1252 -35.31 25.21 -13.05
CA ALA A 1252 -35.49 24.89 -14.46
C ALA A 1252 -36.69 23.98 -14.69
N LYS A 1253 -36.89 23.02 -13.79
CA LYS A 1253 -38.07 22.15 -13.69
C LYS A 1253 -38.28 21.22 -14.88
N PHE A 1254 -37.49 21.32 -15.93
CA PHE A 1254 -37.58 20.31 -16.96
C PHE A 1254 -36.54 19.24 -16.74
N LEU A 1255 -35.47 19.56 -16.02
CA LEU A 1255 -34.55 18.54 -15.59
C LEU A 1255 -35.24 17.54 -14.67
N LEU A 1256 -36.11 18.03 -13.81
CA LEU A 1256 -36.79 17.13 -12.88
C LEU A 1256 -37.94 16.42 -13.57
N LYS A 1257 -38.53 17.05 -14.60
CA LYS A 1257 -39.51 16.33 -15.42
C LYS A 1257 -38.84 15.22 -16.22
N GLU A 1258 -37.63 15.47 -16.71
CA GLU A 1258 -36.92 14.44 -17.45
C GLU A 1258 -36.41 13.35 -16.52
N ALA A 1259 -36.05 13.70 -15.28
CA ALA A 1259 -35.64 12.70 -14.30
C ALA A 1259 -36.83 11.86 -13.87
N ILE A 1260 -38.02 12.43 -13.93
CA ILE A 1260 -39.24 11.68 -13.69
C ILE A 1260 -39.51 10.66 -14.79
N THR A 1261 -39.34 11.06 -16.05
CA THR A 1261 -39.99 10.39 -17.16
C THR A 1261 -39.33 9.10 -17.55
N HIS A 1262 -40.10 8.02 -17.47
CA HIS A 1262 -39.65 6.68 -17.77
C HIS A 1262 -39.59 6.50 -19.28
N SER A 1263 -38.92 5.44 -19.73
CA SER A 1263 -38.86 5.17 -21.16
C SER A 1263 -40.15 4.55 -21.67
N SER A 1264 -41.05 4.18 -20.78
CA SER A 1264 -42.32 3.61 -21.22
C SER A 1264 -43.33 4.70 -21.57
N LEU A 1265 -43.05 5.94 -21.21
CA LEU A 1265 -43.92 7.02 -21.64
C LEU A 1265 -43.69 7.38 -23.10
N ARG A 1266 -42.57 6.92 -23.67
CA ARG A 1266 -42.20 7.10 -25.07
C ARG A 1266 -42.11 8.56 -25.48
N GLU A 1267 -41.50 9.38 -24.65
CA GLU A 1267 -41.29 10.77 -25.00
C GLU A 1267 -40.00 10.93 -25.79
N SER A 1268 -39.69 12.18 -26.13
CA SER A 1268 -38.39 12.47 -26.73
C SER A 1268 -37.27 12.35 -25.70
N TYR A 1269 -37.63 12.53 -24.45
CA TYR A 1269 -36.76 12.55 -23.29
C TYR A 1269 -37.13 11.40 -22.37
N SER A 1270 -36.21 11.07 -21.47
CA SER A 1270 -36.38 10.01 -20.52
C SER A 1270 -35.33 10.17 -19.44
N TYR A 1271 -35.44 9.41 -18.37
CA TYR A 1271 -34.45 9.63 -17.34
C TYR A 1271 -33.19 8.81 -17.50
N GLU A 1272 -33.08 8.03 -18.58
CA GLU A 1272 -31.94 7.09 -18.79
C GLU A 1272 -30.59 7.83 -18.88
N ARG A 1273 -30.63 9.08 -19.31
CA ARG A 1273 -29.45 9.90 -19.47
C ARG A 1273 -29.10 10.62 -18.17
N LEU A 1274 -30.10 11.15 -17.49
CA LEU A 1274 -29.90 11.65 -16.14
C LEU A 1274 -29.64 10.56 -15.12
N GLU A 1275 -30.08 9.32 -15.34
CA GLU A 1275 -29.65 8.24 -14.44
C GLU A 1275 -28.20 7.89 -14.70
N PHE A 1276 -27.72 8.06 -15.94
CA PHE A 1276 -26.29 7.86 -16.20
C PHE A 1276 -25.48 8.84 -15.41
N LEU A 1277 -25.81 10.12 -15.53
CA LEU A 1277 -25.12 11.15 -14.78
C LEU A 1277 -25.24 10.96 -13.28
N GLY A 1278 -26.40 10.53 -12.81
CA GLY A 1278 -26.60 10.44 -11.39
C GLY A 1278 -26.04 9.21 -10.74
N ASP A 1279 -25.84 8.15 -11.51
CA ASP A 1279 -25.06 7.01 -11.04
C ASP A 1279 -23.67 7.45 -10.62
N SER A 1280 -23.05 8.29 -11.44
CA SER A 1280 -21.71 8.77 -11.18
C SER A 1280 -21.67 9.81 -10.09
N VAL A 1281 -22.64 10.72 -10.06
CA VAL A 1281 -22.58 11.73 -9.03
C VAL A 1281 -22.90 11.11 -7.67
N LEU A 1282 -23.70 10.06 -7.64
CA LEU A 1282 -23.99 9.48 -6.35
C LEU A 1282 -22.88 8.57 -5.88
N ASP A 1283 -22.22 7.91 -6.83
CA ASP A 1283 -21.06 7.02 -6.51
C ASP A 1283 -19.91 7.89 -5.99
N PHE A 1284 -19.79 9.12 -6.52
CA PHE A 1284 -18.77 10.04 -6.09
C PHE A 1284 -19.11 10.75 -4.80
N LEU A 1285 -20.33 11.26 -4.64
CA LEU A 1285 -20.69 11.93 -3.40
C LEU A 1285 -20.65 10.96 -2.22
N ILE A 1286 -21.06 9.73 -2.43
CA ILE A 1286 -21.03 8.76 -1.35
C ILE A 1286 -19.61 8.31 -1.05
N THR A 1287 -18.78 8.05 -2.07
CA THR A 1287 -17.42 7.65 -1.72
C THR A 1287 -16.59 8.83 -1.26
N ARG A 1288 -17.03 10.07 -1.51
CA ARG A 1288 -16.34 11.19 -0.92
C ARG A 1288 -16.66 11.25 0.55
N HIS A 1289 -17.93 11.03 0.89
CA HIS A 1289 -18.35 10.84 2.28
C HIS A 1289 -17.60 9.72 2.95
N LEU A 1290 -17.44 8.58 2.28
CA LEU A 1290 -16.81 7.42 2.90
C LEU A 1290 -15.32 7.60 3.03
N PHE A 1291 -14.69 8.23 2.03
CA PHE A 1291 -13.28 8.56 2.10
C PHE A 1291 -13.02 9.49 3.26
N ASN A 1292 -13.89 10.47 3.46
CA ASN A 1292 -13.61 11.48 4.46
C ASN A 1292 -13.96 11.00 5.86
N THR A 1293 -14.98 10.17 6.00
CA THR A 1293 -15.35 9.73 7.34
C THR A 1293 -14.42 8.66 7.85
N TYR A 1294 -14.25 7.61 7.10
CA TYR A 1294 -13.54 6.43 7.52
C TYR A 1294 -12.13 6.58 7.00
N GLU A 1295 -11.25 7.08 7.84
CA GLU A 1295 -9.93 7.49 7.41
C GLU A 1295 -8.90 6.42 7.63
N GLN A 1296 -9.28 5.31 8.23
CA GLN A 1296 -8.34 4.25 8.49
C GLN A 1296 -8.73 2.96 7.80
N THR A 1297 -9.78 2.96 7.00
CA THR A 1297 -10.19 1.74 6.32
C THR A 1297 -9.97 1.92 4.83
N GLY A 1298 -9.57 0.86 4.17
CA GLY A 1298 -9.17 0.95 2.81
C GLY A 1298 -10.25 0.51 1.88
N PRO A 1299 -9.86 0.25 0.64
CA PRO A 1299 -10.82 -0.26 -0.33
C PRO A 1299 -11.16 -1.69 0.04
N GLY A 1300 -12.35 -2.09 -0.29
CA GLY A 1300 -12.79 -3.38 0.09
C GLY A 1300 -13.51 -3.40 1.40
N GLU A 1301 -13.34 -2.38 2.22
CA GLU A 1301 -14.36 -2.04 3.17
C GLU A 1301 -15.07 -0.78 2.76
N MET A 1302 -14.38 0.15 2.11
CA MET A 1302 -15.09 1.26 1.47
C MET A 1302 -15.91 0.78 0.30
N THR A 1303 -15.51 -0.30 -0.37
CA THR A 1303 -16.33 -0.85 -1.44
C THR A 1303 -17.47 -1.70 -0.89
N ASP A 1304 -17.28 -2.32 0.27
CA ASP A 1304 -18.42 -2.95 0.96
C ASP A 1304 -19.44 -1.92 1.40
N LEU A 1305 -18.99 -0.75 1.83
CA LEU A 1305 -19.91 0.27 2.30
C LEU A 1305 -20.55 1.00 1.13
N ARG A 1306 -19.81 1.16 0.05
CA ARG A 1306 -20.34 1.86 -1.10
C ARG A 1306 -21.34 1.00 -1.81
N SER A 1307 -21.15 -0.31 -1.75
CA SER A 1307 -22.09 -1.24 -2.34
C SER A 1307 -23.28 -1.49 -1.46
N ALA A 1308 -23.46 -0.73 -0.39
CA ALA A 1308 -24.70 -0.65 0.35
C ALA A 1308 -25.33 0.73 0.25
N CYS A 1309 -24.55 1.76 0.01
CA CYS A 1309 -25.17 3.06 -0.19
C CYS A 1309 -25.62 3.24 -1.63
N VAL A 1310 -24.79 2.85 -2.60
CA VAL A 1310 -25.05 3.04 -4.01
C VAL A 1310 -25.64 1.78 -4.62
N ASN A 1311 -25.93 0.80 -3.79
CA ASN A 1311 -26.65 -0.40 -4.17
C ASN A 1311 -27.97 0.00 -4.77
N ASN A 1312 -28.35 -0.61 -5.88
CA ASN A 1312 -29.56 -0.16 -6.55
C ASN A 1312 -30.81 -0.60 -5.79
N GLU A 1313 -30.71 -1.69 -5.04
CA GLU A 1313 -31.75 -2.05 -4.09
C GLU A 1313 -31.89 -1.01 -2.99
N ASN A 1314 -30.77 -0.46 -2.53
CA ASN A 1314 -30.84 0.59 -1.54
C ASN A 1314 -31.47 1.83 -2.11
N PHE A 1315 -31.22 2.11 -3.38
CA PHE A 1315 -31.87 3.24 -4.00
C PHE A 1315 -33.36 2.99 -4.20
N ALA A 1316 -33.77 1.73 -4.31
CA ALA A 1316 -35.19 1.44 -4.37
C ALA A 1316 -35.86 1.65 -3.03
N GLN A 1317 -35.21 1.23 -1.94
CA GLN A 1317 -35.74 1.52 -0.62
C GLN A 1317 -35.72 3.01 -0.30
N VAL A 1318 -34.74 3.75 -0.81
CA VAL A 1318 -34.68 5.19 -0.61
C VAL A 1318 -35.75 5.88 -1.46
N ALA A 1319 -36.08 5.29 -2.59
CA ALA A 1319 -37.18 5.81 -3.39
C ALA A 1319 -38.50 5.64 -2.67
N VAL A 1320 -38.70 4.49 -2.06
CA VAL A 1320 -39.99 4.25 -1.41
C VAL A 1320 -40.07 4.96 -0.06
N LYS A 1321 -38.96 4.98 0.70
CA LYS A 1321 -38.97 5.53 2.05
C LYS A 1321 -39.28 7.01 2.06
N ASN A 1322 -38.75 7.75 1.09
CA ASN A 1322 -39.10 9.14 0.92
C ASN A 1322 -40.26 9.32 -0.02
N ASN A 1323 -40.85 8.22 -0.49
CA ASN A 1323 -41.94 8.18 -1.47
C ASN A 1323 -41.61 8.94 -2.74
N LEU A 1324 -40.44 8.69 -3.33
CA LEU A 1324 -40.22 9.22 -4.67
C LEU A 1324 -41.00 8.42 -5.71
N HIS A 1325 -41.53 7.25 -5.34
CA HIS A 1325 -41.95 6.31 -6.36
C HIS A 1325 -43.28 6.69 -6.96
N THR A 1326 -44.00 7.59 -6.32
CA THR A 1326 -45.27 8.00 -6.88
C THR A 1326 -45.09 9.10 -7.92
N HIS A 1327 -43.85 9.49 -8.21
CA HIS A 1327 -43.61 10.49 -9.23
C HIS A 1327 -42.83 9.93 -10.39
N LEU A 1328 -42.40 8.69 -10.30
CA LEU A 1328 -42.00 7.97 -11.50
C LEU A 1328 -43.20 7.80 -12.39
N GLN A 1329 -43.23 8.56 -13.47
CA GLN A 1329 -44.32 8.57 -14.43
C GLN A 1329 -44.01 7.60 -15.54
N ARG A 1330 -44.87 6.61 -15.71
CA ARG A 1330 -44.58 5.50 -16.61
C ARG A 1330 -45.88 4.98 -17.17
N CYS A 1331 -45.78 4.31 -18.31
CA CYS A 1331 -46.91 3.66 -18.94
C CYS A 1331 -46.62 2.19 -19.22
N ALA A 1332 -46.12 1.46 -18.23
CA ALA A 1332 -45.88 0.02 -18.36
C ALA A 1332 -46.64 -0.71 -17.27
N THR A 1333 -47.50 -1.65 -17.65
CA THR A 1333 -48.31 -2.35 -16.66
C THR A 1333 -47.49 -3.36 -15.89
N VAL A 1334 -46.47 -3.93 -16.53
CA VAL A 1334 -45.64 -4.89 -15.82
C VAL A 1334 -44.72 -4.17 -14.84
N LEU A 1335 -44.37 -2.93 -15.14
CA LEU A 1335 -43.66 -2.13 -14.15
C LEU A 1335 -44.60 -1.71 -13.03
N GLU A 1336 -45.88 -1.51 -13.34
CA GLU A 1336 -46.84 -1.21 -12.28
C GLU A 1336 -47.02 -2.39 -11.34
N THR A 1337 -47.04 -3.61 -11.85
CA THR A 1337 -47.17 -4.72 -10.94
C THR A 1337 -45.85 -5.03 -10.24
N GLN A 1338 -44.71 -4.57 -10.79
CA GLN A 1338 -43.47 -4.71 -10.04
C GLN A 1338 -43.39 -3.72 -8.90
N ILE A 1339 -43.85 -2.49 -9.14
CA ILE A 1339 -43.98 -1.53 -8.04
C ILE A 1339 -44.96 -2.02 -7.00
N ASN A 1340 -46.07 -2.63 -7.42
CA ASN A 1340 -47.06 -3.01 -6.43
C ASN A 1340 -46.64 -4.25 -5.66
N ASP A 1341 -45.92 -5.18 -6.30
CA ASP A 1341 -45.33 -6.29 -5.57
C ASP A 1341 -44.26 -5.81 -4.61
N TYR A 1342 -43.51 -4.78 -4.98
CA TYR A 1342 -42.43 -4.32 -4.13
C TYR A 1342 -42.93 -3.47 -2.98
N LEU A 1343 -44.01 -2.72 -3.17
CA LEU A 1343 -44.65 -2.05 -2.05
C LEU A 1343 -45.36 -3.05 -1.15
N MET A 1344 -45.83 -4.16 -1.71
CA MET A 1344 -46.41 -5.19 -0.87
C MET A 1344 -45.32 -5.91 -0.08
N SER A 1345 -44.09 -5.91 -0.59
CA SER A 1345 -43.05 -6.70 0.04
C SER A 1345 -42.45 -6.00 1.25
N PHE A 1346 -42.73 -4.72 1.43
CA PHE A 1346 -42.23 -4.04 2.62
C PHE A 1346 -42.95 -4.53 3.86
N GLN A 1347 -42.18 -4.84 4.89
CA GLN A 1347 -42.72 -5.31 6.14
C GLN A 1347 -42.34 -4.37 7.28
N LYS A 1348 -43.31 -4.11 8.14
CA LYS A 1348 -43.09 -3.16 9.23
C LYS A 1348 -42.31 -3.87 10.33
N PRO A 1349 -41.21 -3.28 10.83
CA PRO A 1349 -40.15 -4.09 11.43
C PRO A 1349 -40.49 -4.55 12.85
N ASP A 1350 -39.61 -5.41 13.38
CA ASP A 1350 -39.81 -5.96 14.72
C ASP A 1350 -39.37 -4.98 15.81
N GLU A 1351 -38.38 -4.13 15.49
CA GLU A 1351 -38.06 -2.95 16.29
C GLU A 1351 -37.74 -1.84 15.30
N THR A 1352 -37.69 -0.59 15.80
CA THR A 1352 -37.93 0.69 15.09
C THR A 1352 -37.17 0.75 13.76
N GLY A 1353 -35.84 0.80 13.77
CA GLY A 1353 -35.00 0.45 12.62
C GLY A 1353 -35.32 1.13 11.30
N ARG A 1354 -35.84 0.33 10.37
CA ARG A 1354 -36.07 0.70 8.99
C ARG A 1354 -37.01 -0.33 8.38
N SER A 1355 -37.99 0.15 7.63
CA SER A 1355 -38.92 -0.75 6.97
C SER A 1355 -38.28 -1.40 5.76
N ILE A 1356 -37.93 -2.67 5.89
CA ILE A 1356 -37.17 -3.40 4.88
C ILE A 1356 -38.17 -4.04 3.92
N PRO A 1357 -37.78 -4.38 2.71
CA PRO A 1357 -38.68 -5.14 1.84
C PRO A 1357 -38.46 -6.61 2.06
N SER A 1358 -39.32 -7.41 1.44
CA SER A 1358 -39.08 -8.84 1.40
C SER A 1358 -38.29 -9.20 0.15
N ILE A 1359 -38.63 -8.62 -1.00
CA ILE A 1359 -38.07 -8.98 -2.29
C ILE A 1359 -37.32 -7.78 -2.86
N GLN A 1360 -36.77 -7.95 -4.07
CA GLN A 1360 -35.91 -6.92 -4.64
C GLN A 1360 -36.69 -5.67 -5.05
N GLY A 1361 -37.49 -5.75 -6.09
CA GLY A 1361 -38.15 -4.56 -6.57
C GLY A 1361 -37.28 -3.82 -7.56
N PRO A 1362 -37.90 -3.32 -8.63
CA PRO A 1362 -37.18 -3.16 -9.89
C PRO A 1362 -36.20 -2.02 -9.90
N LYS A 1363 -35.42 -1.97 -10.97
CA LYS A 1363 -34.35 -1.00 -11.07
C LYS A 1363 -34.88 0.40 -11.29
N ALA A 1364 -36.12 0.55 -11.78
CA ALA A 1364 -36.66 1.85 -12.11
C ALA A 1364 -36.85 2.70 -10.87
N LEU A 1365 -37.14 2.06 -9.75
CA LEU A 1365 -37.17 2.74 -8.45
C LEU A 1365 -35.86 3.45 -8.15
N GLY A 1366 -34.75 2.74 -8.31
CA GLY A 1366 -33.48 3.28 -7.92
C GLY A 1366 -32.87 4.16 -8.97
N ASP A 1367 -33.28 3.88 -10.20
CA ASP A 1367 -32.96 4.73 -11.31
C ASP A 1367 -33.58 6.11 -11.18
N VAL A 1368 -34.78 6.22 -10.60
CA VAL A 1368 -35.35 7.54 -10.32
C VAL A 1368 -34.51 8.31 -9.33
N VAL A 1369 -33.97 7.64 -8.32
CA VAL A 1369 -33.12 8.29 -7.32
C VAL A 1369 -31.84 8.81 -7.97
N GLU A 1370 -31.23 7.98 -8.80
CA GLU A 1370 -30.05 8.38 -9.54
C GLU A 1370 -30.36 9.57 -10.44
N SER A 1371 -31.48 9.53 -11.16
CA SER A 1371 -31.76 10.57 -12.16
C SER A 1371 -32.16 11.88 -11.51
N ILE A 1372 -32.75 11.82 -10.32
CA ILE A 1372 -33.01 13.07 -9.61
C ILE A 1372 -31.70 13.69 -9.15
N ALA A 1373 -30.70 12.86 -8.81
CA ALA A 1373 -29.39 13.43 -8.51
C ALA A 1373 -28.74 14.02 -9.75
N GLY A 1374 -28.93 13.37 -10.89
CA GLY A 1374 -28.37 13.90 -12.13
C GLY A 1374 -29.04 15.18 -12.55
N ALA A 1375 -30.33 15.32 -12.28
CA ALA A 1375 -31.02 16.58 -12.57
C ALA A 1375 -30.64 17.65 -11.56
N LEU A 1376 -30.32 17.23 -10.34
CA LEU A 1376 -29.81 18.15 -9.34
C LEU A 1376 -28.49 18.77 -9.75
N LEU A 1377 -27.64 18.02 -10.46
CA LEU A 1377 -26.37 18.67 -10.89
C LEU A 1377 -26.65 19.74 -11.95
N ILE A 1378 -27.35 19.40 -13.03
CA ILE A 1378 -27.50 20.30 -14.16
C ILE A 1378 -28.39 21.46 -13.80
N ASP A 1379 -29.31 21.25 -12.87
CA ASP A 1379 -30.09 22.33 -12.30
C ASP A 1379 -29.21 23.30 -11.54
N THR A 1380 -28.32 22.79 -10.70
CA THR A 1380 -27.63 23.62 -9.74
C THR A 1380 -26.23 23.96 -10.23
N ARG A 1381 -26.04 23.99 -11.55
CA ARG A 1381 -24.82 24.42 -12.21
C ARG A 1381 -23.63 23.58 -11.75
N LEU A 1382 -23.89 22.27 -11.59
CA LEU A 1382 -22.92 21.22 -11.16
C LEU A 1382 -22.39 21.43 -9.74
N ASP A 1383 -23.10 22.18 -8.90
CA ASP A 1383 -22.70 22.37 -7.50
C ASP A 1383 -22.84 21.03 -6.79
N LEU A 1384 -21.72 20.41 -6.45
CA LEU A 1384 -21.82 19.11 -5.81
C LEU A 1384 -22.15 19.23 -4.34
N ASP A 1385 -21.82 20.36 -3.73
CA ASP A 1385 -22.15 20.52 -2.33
C ASP A 1385 -23.65 20.72 -2.18
N GLN A 1386 -24.30 21.26 -3.22
CA GLN A 1386 -25.75 21.40 -3.16
C GLN A 1386 -26.46 20.08 -3.45
N VAL A 1387 -25.92 19.32 -4.42
CA VAL A 1387 -26.46 17.98 -4.78
C VAL A 1387 -26.36 17.08 -3.55
N TRP A 1388 -25.27 17.21 -2.78
CA TRP A 1388 -25.12 16.40 -1.58
C TRP A 1388 -25.88 16.99 -0.42
N ARG A 1389 -26.12 18.31 -0.43
CA ARG A 1389 -26.94 18.90 0.61
C ARG A 1389 -28.38 18.44 0.49
N VAL A 1390 -28.81 18.17 -0.75
CA VAL A 1390 -30.12 17.57 -0.98
C VAL A 1390 -30.14 16.07 -0.71
N PHE A 1391 -29.15 15.31 -1.15
CA PHE A 1391 -29.17 13.86 -1.04
C PHE A 1391 -28.59 13.27 0.23
N GLU A 1392 -27.98 14.05 1.10
CA GLU A 1392 -27.63 13.53 2.42
C GLU A 1392 -28.86 13.17 3.26
N PRO A 1393 -29.93 13.99 3.37
CA PRO A 1393 -31.08 13.49 4.14
C PRO A 1393 -31.92 12.46 3.41
N LEU A 1394 -31.73 12.28 2.10
CA LEU A 1394 -32.53 11.26 1.37
C LEU A 1394 -32.21 9.89 1.96
N LEU A 1395 -30.96 9.45 1.83
CA LEU A 1395 -30.50 8.17 2.46
C LEU A 1395 -30.04 8.52 3.88
N SER A 1396 -30.99 8.80 4.78
CA SER A 1396 -30.68 9.27 6.15
C SER A 1396 -29.86 8.24 6.93
N PRO A 1397 -30.20 6.93 6.88
CA PRO A 1397 -29.42 5.92 7.59
C PRO A 1397 -28.23 5.47 6.73
N LEU A 1398 -27.21 6.34 6.58
CA LEU A 1398 -26.02 5.97 5.78
C LEU A 1398 -25.33 4.79 6.46
N VAL A 1399 -24.85 3.82 5.68
CA VAL A 1399 -24.25 2.58 6.25
C VAL A 1399 -22.86 2.84 6.84
N THR A 1400 -22.72 2.68 8.15
CA THR A 1400 -21.47 2.76 8.87
C THR A 1400 -20.99 1.33 9.05
N PRO A 1401 -19.68 1.10 9.14
CA PRO A 1401 -19.19 -0.29 9.09
C PRO A 1401 -19.58 -1.17 10.27
N ASP A 1402 -20.16 -0.63 11.34
CA ASP A 1402 -20.86 -1.49 12.29
C ASP A 1402 -22.20 -1.94 11.73
N LYS A 1403 -22.92 -1.05 11.05
CA LYS A 1403 -24.22 -1.32 10.47
C LYS A 1403 -24.11 -2.01 9.10
N LEU A 1404 -22.88 -2.30 8.69
CA LEU A 1404 -22.62 -2.91 7.36
C LEU A 1404 -23.06 -4.38 7.29
N GLN A 1405 -24.18 -4.65 6.60
CA GLN A 1405 -24.65 -6.01 6.38
C GLN A 1405 -24.48 -6.35 4.91
N LEU A 1406 -23.57 -7.29 4.61
CA LEU A 1406 -23.30 -7.68 3.20
C LEU A 1406 -24.46 -8.53 2.65
N PRO A 1407 -24.55 -8.74 1.31
CA PRO A 1407 -25.60 -9.57 0.73
C PRO A 1407 -25.48 -10.99 1.33
N PRO A 1408 -26.61 -11.67 1.61
CA PRO A 1408 -26.57 -12.96 2.30
C PRO A 1408 -25.70 -14.01 1.61
N TYR A 1409 -25.70 -14.07 0.27
CA TYR A 1409 -24.84 -15.07 -0.40
C TYR A 1409 -23.38 -14.83 0.00
N ARG A 1410 -22.88 -13.60 -0.21
CA ARG A 1410 -21.51 -13.28 0.17
C ARG A 1410 -21.25 -13.61 1.62
N GLU A 1411 -22.13 -13.19 2.52
CA GLU A 1411 -21.92 -13.43 3.94
C GLU A 1411 -22.04 -14.91 4.27
N LEU A 1412 -22.89 -15.63 3.55
CA LEU A 1412 -22.96 -17.07 3.70
C LEU A 1412 -21.67 -17.75 3.30
N ASN A 1413 -21.15 -17.53 2.09
CA ASN A 1413 -20.02 -18.37 1.71
C ASN A 1413 -18.72 -17.85 2.32
N GLU A 1414 -18.69 -16.57 2.71
CA GLU A 1414 -17.59 -16.13 3.56
C GLU A 1414 -17.63 -16.79 4.92
N LEU A 1415 -18.81 -16.93 5.50
CA LEU A 1415 -18.89 -17.53 6.81
C LEU A 1415 -18.66 -19.02 6.74
N CYS A 1416 -19.11 -19.66 5.67
CA CYS A 1416 -18.89 -21.08 5.53
C CYS A 1416 -17.44 -21.38 5.25
N ASP A 1417 -16.78 -20.55 4.45
CA ASP A 1417 -15.37 -20.79 4.18
C ASP A 1417 -14.50 -20.43 5.37
N SER A 1418 -14.87 -19.39 6.11
CA SER A 1418 -14.07 -18.99 7.25
C SER A 1418 -14.21 -20.00 8.39
N LEU A 1419 -15.41 -20.52 8.61
CA LEU A 1419 -15.56 -21.54 9.62
C LEU A 1419 -14.98 -22.85 9.13
N GLY A 1420 -15.10 -23.12 7.85
CA GLY A 1420 -14.53 -24.31 7.29
C GLY A 1420 -15.50 -25.29 6.69
N TYR A 1421 -16.68 -24.83 6.25
CA TYR A 1421 -17.68 -25.73 5.74
C TYR A 1421 -18.04 -25.40 4.30
N PHE A 1422 -18.59 -26.36 3.58
CA PHE A 1422 -19.01 -26.12 2.21
C PHE A 1422 -20.51 -26.35 2.08
N PHE A 1423 -21.07 -25.93 0.95
CA PHE A 1423 -22.47 -26.18 0.66
C PHE A 1423 -22.63 -26.52 -0.82
N ARG A 1424 -23.52 -27.46 -1.10
CA ARG A 1424 -24.01 -27.63 -2.45
C ARG A 1424 -25.04 -26.57 -2.70
N VAL A 1425 -25.10 -26.06 -3.92
CA VAL A 1425 -26.00 -24.98 -4.24
C VAL A 1425 -26.81 -25.42 -5.45
N LYS A 1426 -28.08 -25.05 -5.51
CA LYS A 1426 -28.92 -25.49 -6.62
C LYS A 1426 -30.06 -24.52 -6.84
N CYS A 1427 -30.10 -23.90 -8.03
CA CYS A 1427 -31.13 -22.93 -8.34
C CYS A 1427 -31.79 -23.28 -9.66
N SER A 1428 -33.08 -22.99 -9.77
CA SER A 1428 -33.90 -23.41 -10.89
C SER A 1428 -35.14 -22.53 -10.99
N ASN A 1429 -35.83 -22.62 -12.13
CA ASN A 1429 -36.90 -21.68 -12.49
C ASN A 1429 -38.20 -22.44 -12.64
N ASP A 1430 -38.88 -22.69 -11.52
CA ASP A 1430 -40.01 -23.61 -11.53
C ASP A 1430 -41.25 -22.96 -12.13
N GLY A 1431 -41.67 -21.81 -11.59
CA GLY A 1431 -42.81 -21.10 -12.10
C GLY A 1431 -42.41 -19.75 -12.66
N VAL A 1432 -43.07 -18.71 -12.14
CA VAL A 1432 -42.66 -17.34 -12.44
C VAL A 1432 -41.33 -17.02 -11.77
N LYS A 1433 -41.23 -17.24 -10.46
CA LYS A 1433 -40.08 -16.83 -9.67
C LYS A 1433 -39.20 -18.05 -9.43
N ALA A 1434 -37.90 -17.79 -9.33
CA ALA A 1434 -36.91 -18.84 -9.27
C ALA A 1434 -36.74 -19.38 -7.87
N GLN A 1435 -36.34 -20.64 -7.79
CA GLN A 1435 -36.16 -21.38 -6.55
C GLN A 1435 -34.68 -21.67 -6.40
N ALA A 1436 -34.19 -21.69 -5.16
CA ALA A 1436 -32.80 -22.02 -4.90
C ALA A 1436 -32.68 -22.64 -3.51
N THR A 1437 -32.08 -23.81 -3.46
CA THR A 1437 -31.81 -24.48 -2.20
C THR A 1437 -30.29 -24.51 -2.02
N ILE A 1438 -29.85 -24.49 -0.78
CA ILE A 1438 -28.44 -24.56 -0.43
C ILE A 1438 -28.32 -25.61 0.67
N GLN A 1439 -27.71 -26.74 0.36
CA GLN A 1439 -27.45 -27.73 1.38
C GLN A 1439 -26.10 -27.42 2.01
N LEU A 1440 -26.11 -26.92 3.23
CA LEU A 1440 -24.88 -26.73 4.00
C LEU A 1440 -24.65 -27.97 4.82
N GLN A 1441 -23.41 -28.35 4.98
CA GLN A 1441 -23.05 -29.48 5.81
C GLN A 1441 -22.26 -28.99 7.01
N LEU A 1442 -22.89 -28.98 8.17
CA LEU A 1442 -22.17 -28.94 9.41
C LEU A 1442 -21.74 -30.36 9.76
N ASP A 1443 -21.15 -30.53 10.94
CA ASP A 1443 -20.32 -31.70 11.19
C ASP A 1443 -21.13 -32.98 11.34
N ASP A 1444 -22.34 -32.89 11.87
CA ASP A 1444 -23.17 -34.07 12.00
C ASP A 1444 -24.37 -34.05 11.07
N VAL A 1445 -24.87 -32.87 10.75
CA VAL A 1445 -26.11 -32.70 10.00
C VAL A 1445 -25.82 -32.10 8.63
N LEU A 1446 -26.72 -32.34 7.70
CA LEU A 1446 -26.82 -31.57 6.47
C LEU A 1446 -28.08 -30.74 6.60
N LEU A 1447 -27.92 -29.44 6.75
CA LEU A 1447 -29.06 -28.57 6.90
C LEU A 1447 -29.23 -27.71 5.66
N THR A 1448 -30.45 -27.69 5.12
CA THR A 1448 -30.74 -27.17 3.79
C THR A 1448 -31.57 -25.92 3.94
N GLY A 1449 -31.02 -24.79 3.51
CA GLY A 1449 -31.77 -23.55 3.51
C GLY A 1449 -32.20 -23.15 2.11
N ASP A 1450 -33.48 -22.85 1.93
CA ASP A 1450 -34.03 -22.66 0.61
C ASP A 1450 -34.84 -21.38 0.54
N GLY A 1451 -34.73 -20.68 -0.59
CA GLY A 1451 -35.43 -19.43 -0.78
C GLY A 1451 -35.83 -19.29 -2.22
N SER A 1452 -36.82 -18.42 -2.44
CA SER A 1452 -37.42 -18.21 -3.73
C SER A 1452 -37.45 -16.72 -4.01
N GLU A 1453 -36.96 -16.33 -5.17
CA GLU A 1453 -36.97 -14.94 -5.60
C GLU A 1453 -36.84 -14.94 -7.10
N GLN A 1454 -37.12 -13.81 -7.73
CA GLN A 1454 -37.27 -13.72 -9.18
C GLN A 1454 -35.97 -13.98 -9.92
N THR A 1455 -34.86 -13.55 -9.36
CA THR A 1455 -33.66 -13.42 -10.16
C THR A 1455 -32.79 -14.67 -10.08
N ASN A 1456 -32.88 -15.43 -8.99
CA ASN A 1456 -32.12 -16.62 -8.57
C ASN A 1456 -30.72 -16.30 -8.09
N LYS A 1457 -30.23 -15.11 -8.38
CA LYS A 1457 -29.08 -14.65 -7.63
C LYS A 1457 -29.56 -14.16 -6.28
N LEU A 1458 -30.80 -13.73 -6.24
CA LEU A 1458 -31.43 -13.33 -5.01
C LEU A 1458 -32.26 -14.45 -4.43
N ALA A 1459 -32.56 -15.50 -5.19
CA ALA A 1459 -33.02 -16.71 -4.55
C ALA A 1459 -31.87 -17.41 -3.87
N LEU A 1460 -30.67 -17.34 -4.46
CA LEU A 1460 -29.49 -17.73 -3.73
C LEU A 1460 -29.26 -16.81 -2.55
N GLY A 1461 -29.57 -15.54 -2.71
CA GLY A 1461 -29.45 -14.61 -1.59
C GLY A 1461 -30.41 -14.92 -0.46
N LYS A 1462 -31.63 -15.36 -0.79
CA LYS A 1462 -32.60 -15.66 0.26
C LYS A 1462 -32.39 -17.03 0.86
N ALA A 1463 -31.94 -17.99 0.06
CA ALA A 1463 -31.59 -19.28 0.64
C ALA A 1463 -30.41 -19.14 1.56
N ALA A 1464 -29.49 -18.25 1.21
CA ALA A 1464 -28.39 -17.93 2.10
C ALA A 1464 -28.86 -17.19 3.34
N SER A 1465 -29.85 -16.33 3.21
CA SER A 1465 -30.36 -15.64 4.40
C SER A 1465 -31.14 -16.57 5.30
N HIS A 1466 -31.89 -17.51 4.73
CA HIS A 1466 -32.56 -18.55 5.52
C HIS A 1466 -31.55 -19.41 6.22
N LEU A 1467 -30.47 -19.76 5.53
CA LEU A 1467 -29.45 -20.61 6.10
C LEU A 1467 -28.68 -19.87 7.17
N LEU A 1468 -28.49 -18.57 7.00
CA LEU A 1468 -27.88 -17.76 8.03
C LEU A 1468 -28.77 -17.59 9.26
N THR A 1469 -30.10 -17.55 9.10
CA THR A 1469 -30.92 -17.50 10.31
C THR A 1469 -30.86 -18.82 11.07
N GLN A 1470 -31.09 -19.94 10.39
CA GLN A 1470 -31.02 -21.24 11.05
C GLN A 1470 -29.59 -21.69 11.31
N LEU A 1471 -28.63 -20.84 11.02
CA LEU A 1471 -27.25 -21.08 11.37
C LEU A 1471 -26.80 -20.16 12.50
N GLU A 1472 -27.33 -18.93 12.55
CA GLU A 1472 -26.99 -17.99 13.61
C GLU A 1472 -27.70 -18.38 14.89
N LYS A 1473 -28.81 -19.12 14.77
CA LYS A 1473 -29.35 -19.76 15.97
C LYS A 1473 -28.43 -20.85 16.48
N ARG A 1474 -27.85 -21.65 15.58
CA ARG A 1474 -26.96 -22.71 16.02
C ARG A 1474 -25.62 -22.16 16.51
N ASN A 1475 -25.16 -21.06 15.93
CA ASN A 1475 -23.97 -20.41 16.48
C ASN A 1475 -24.35 -19.63 17.72
N VAL A 1514 -16.69 -46.04 -0.34
CA VAL A 1514 -15.82 -46.77 -1.25
C VAL A 1514 -16.17 -46.29 -2.65
N ILE A 1515 -17.36 -45.73 -2.78
CA ILE A 1515 -17.84 -45.16 -4.03
C ILE A 1515 -17.14 -43.86 -4.44
N PRO A 1516 -16.84 -42.86 -3.57
CA PRO A 1516 -16.24 -41.61 -4.10
C PRO A 1516 -14.83 -41.80 -4.64
N PHE A 1517 -14.48 -40.97 -5.62
CA PHE A 1517 -13.18 -41.04 -6.26
C PHE A 1517 -12.42 -39.76 -5.95
N ILE A 1518 -11.29 -39.90 -5.27
CA ILE A 1518 -10.43 -38.77 -4.93
C ILE A 1518 -9.67 -38.28 -6.16
N GLY A 1519 -9.65 -39.06 -7.23
CA GLY A 1519 -8.95 -38.68 -8.42
C GLY A 1519 -7.47 -38.89 -8.22
N PRO A 1520 -6.67 -38.44 -9.16
CA PRO A 1520 -5.22 -38.58 -8.99
C PRO A 1520 -4.72 -37.60 -7.94
N ILE A 1521 -3.88 -38.10 -7.04
CA ILE A 1521 -3.08 -37.25 -6.17
C ILE A 1521 -2.19 -36.40 -7.06
N ASN A 1522 -2.29 -35.09 -6.91
CA ASN A 1522 -1.37 -34.21 -7.61
C ASN A 1522 -0.11 -34.07 -6.79
N MET A 1523 0.97 -33.65 -7.44
CA MET A 1523 2.16 -33.23 -6.71
C MET A 1523 2.47 -31.75 -6.91
N LYS A 1524 3.69 -31.34 -6.51
CA LYS A 1524 4.19 -29.95 -6.41
C LYS A 1524 3.61 -29.20 -5.22
N LYS A 1525 3.53 -29.88 -4.06
CA LYS A 1525 3.47 -29.35 -2.69
C LYS A 1525 2.24 -28.55 -2.32
N GLY A 1526 1.35 -28.30 -3.26
CA GLY A 1526 0.02 -27.97 -2.81
C GLY A 1526 -0.96 -29.00 -3.21
N GLY A 1527 -0.51 -29.86 -4.11
CA GLY A 1527 -1.28 -30.87 -4.79
C GLY A 1527 -2.15 -31.76 -3.94
N PRO A 1528 -1.60 -32.41 -2.93
CA PRO A 1528 -2.47 -33.25 -2.08
C PRO A 1528 -3.49 -32.46 -1.27
N ARG A 1529 -3.10 -31.34 -0.67
CA ARG A 1529 -4.09 -30.50 0.00
C ARG A 1529 -5.00 -29.82 -1.01
N GLY A 1530 -4.49 -29.56 -2.22
CA GLY A 1530 -5.37 -29.11 -3.28
C GLY A 1530 -6.42 -30.13 -3.66
N THR A 1531 -6.02 -31.40 -3.78
CA THR A 1531 -6.95 -32.44 -4.20
C THR A 1531 -7.93 -32.75 -3.11
N LEU A 1532 -7.47 -32.83 -1.87
CA LEU A 1532 -8.38 -33.10 -0.78
C LEU A 1532 -9.32 -31.94 -0.53
N HIS A 1533 -8.88 -30.71 -0.79
CA HIS A 1533 -9.79 -29.59 -0.63
C HIS A 1533 -10.81 -29.53 -1.75
N GLU A 1534 -10.40 -29.77 -3.00
CA GLU A 1534 -11.37 -29.81 -4.09
C GLU A 1534 -12.33 -30.98 -3.95
N PHE A 1535 -11.85 -32.08 -3.39
CA PHE A 1535 -12.67 -33.24 -3.09
C PHE A 1535 -13.65 -32.94 -1.96
N CYS A 1536 -13.22 -32.22 -0.93
CA CYS A 1536 -14.13 -31.90 0.15
C CYS A 1536 -15.18 -30.90 -0.29
N LYS A 1537 -14.85 -30.02 -1.24
CA LYS A 1537 -15.88 -29.17 -1.82
C LYS A 1537 -16.87 -29.98 -2.64
N LYS A 1538 -16.38 -30.88 -3.51
CA LYS A 1538 -17.28 -31.63 -4.36
C LYS A 1538 -18.05 -32.65 -3.53
N HIS A 1539 -17.37 -33.64 -3.01
CA HIS A 1539 -17.99 -34.65 -2.16
C HIS A 1539 -17.93 -34.05 -0.76
N LEU A 1540 -19.08 -33.59 -0.28
CA LEU A 1540 -19.09 -32.51 0.69
C LEU A 1540 -18.75 -33.03 2.08
N TRP A 1541 -17.49 -32.85 2.46
CA TRP A 1541 -16.97 -33.02 3.82
C TRP A 1541 -16.35 -31.70 4.18
N PRO A 1542 -16.24 -31.37 5.46
CA PRO A 1542 -15.58 -30.12 5.82
C PRO A 1542 -14.07 -30.21 5.69
N MET A 1543 -13.41 -29.07 5.77
CA MET A 1543 -11.98 -29.00 5.51
C MET A 1543 -11.19 -29.72 6.59
N PRO A 1544 -10.15 -30.46 6.21
CA PRO A 1544 -9.32 -31.14 7.20
C PRO A 1544 -8.47 -30.15 7.96
N THR A 1545 -8.40 -30.33 9.27
CA THR A 1545 -7.62 -29.45 10.13
C THR A 1545 -6.34 -30.18 10.54
N PHE A 1546 -5.24 -29.45 10.52
CA PHE A 1546 -3.91 -30.04 10.66
C PHE A 1546 -3.38 -29.85 12.08
N ASP A 1547 -2.55 -30.79 12.50
CA ASP A 1547 -1.86 -30.75 13.78
C ASP A 1547 -0.42 -31.18 13.51
N THR A 1548 0.39 -30.20 13.16
CA THR A 1548 1.79 -30.44 12.87
C THR A 1548 2.57 -30.63 14.16
N SER A 1549 3.68 -31.36 14.10
CA SER A 1549 4.50 -31.62 15.27
C SER A 1549 5.96 -31.55 14.85
N GLU A 1550 6.74 -30.72 15.53
CA GLU A 1550 8.09 -30.38 15.18
C GLU A 1550 9.07 -30.87 16.21
N GLU A 1551 10.19 -31.42 15.78
CA GLU A 1551 11.30 -31.70 16.69
C GLU A 1551 12.55 -30.96 16.19
N LYS A 1552 12.71 -29.72 16.65
CA LYS A 1552 13.80 -28.87 16.20
C LYS A 1552 15.15 -29.37 16.70
N SER A 1553 16.10 -29.50 15.80
CA SER A 1553 17.41 -30.03 16.15
C SER A 1553 18.49 -29.15 15.57
N ARG A 1554 19.57 -29.00 16.31
CA ARG A 1554 20.70 -28.18 15.91
C ARG A 1554 21.62 -28.88 14.94
N THR A 1555 21.31 -30.11 14.62
CA THR A 1555 21.87 -30.98 13.61
C THR A 1555 20.91 -31.06 12.43
N PRO A 1556 21.41 -31.20 11.21
CA PRO A 1556 20.50 -31.23 10.05
C PRO A 1556 19.77 -32.55 9.93
N PHE A 1557 18.55 -32.47 9.40
CA PHE A 1557 17.77 -33.64 9.02
C PHE A 1557 18.02 -34.00 7.57
N GLU A 1564 13.67 -39.50 0.27
CA GLU A 1564 14.61 -38.44 -0.06
C GLU A 1564 14.40 -37.27 0.87
N LYS A 1565 15.39 -36.38 0.94
CA LYS A 1565 15.28 -35.17 1.72
C LYS A 1565 16.27 -34.15 1.18
N ARG A 1566 15.91 -32.88 1.35
CA ARG A 1566 16.88 -31.79 1.33
C ARG A 1566 16.87 -31.21 2.72
N THR A 1567 17.98 -30.58 3.11
CA THR A 1567 18.29 -30.43 4.54
C THR A 1567 17.43 -29.38 5.22
N SER A 1568 17.13 -29.63 6.49
CA SER A 1568 16.44 -28.67 7.34
C SER A 1568 16.84 -28.92 8.77
N PHE A 1569 16.15 -28.27 9.69
CA PHE A 1569 16.47 -28.36 11.09
C PHE A 1569 15.23 -28.43 11.96
N SER A 1570 14.11 -28.91 11.42
CA SER A 1570 12.91 -29.05 12.24
C SER A 1570 12.19 -30.38 12.15
N SER A 1571 12.05 -30.97 10.95
CA SER A 1571 11.41 -32.28 10.74
C SER A 1571 9.97 -32.32 11.25
N PHE A 1572 9.13 -31.50 10.65
CA PHE A 1572 7.72 -31.47 11.01
C PHE A 1572 7.03 -32.75 10.57
N THR A 1573 6.55 -33.54 11.51
CA THR A 1573 5.68 -34.67 11.19
C THR A 1573 4.26 -34.36 11.63
N SER A 1574 3.39 -34.20 10.66
CA SER A 1574 2.07 -33.64 10.86
C SER A 1574 1.04 -34.75 10.86
N THR A 1575 -0.02 -34.55 11.64
CA THR A 1575 -1.20 -35.41 11.56
C THR A 1575 -2.41 -34.55 11.25
N ILE A 1576 -3.23 -35.02 10.31
CA ILE A 1576 -4.43 -34.31 9.93
C ILE A 1576 -5.58 -34.94 10.68
N THR A 1577 -6.64 -34.16 10.89
CA THR A 1577 -7.95 -34.68 11.20
C THR A 1577 -8.84 -34.24 10.05
N LEU A 1578 -9.92 -34.95 9.82
CA LEU A 1578 -11.02 -34.57 8.88
C LEU A 1578 -12.34 -34.93 9.58
N ARG A 1579 -13.19 -34.00 10.01
CA ARG A 1579 -14.44 -34.38 10.63
C ARG A 1579 -15.38 -34.89 9.56
N ILE A 1580 -15.19 -36.13 9.17
CA ILE A 1580 -15.87 -36.69 8.02
C ILE A 1580 -17.34 -36.92 8.37
N PRO A 1581 -18.27 -36.38 7.60
CA PRO A 1581 -19.66 -36.34 8.06
C PRO A 1581 -20.32 -37.69 7.96
N ASN A 1582 -21.16 -37.96 8.97
CA ASN A 1582 -21.88 -39.20 9.16
C ASN A 1582 -20.93 -40.38 9.32
N ARG A 1583 -19.76 -40.10 9.90
CA ARG A 1583 -18.79 -41.12 10.29
C ARG A 1583 -18.16 -40.70 11.60
N GLU A 1584 -17.32 -41.57 12.14
CA GLU A 1584 -16.47 -41.16 13.25
C GLU A 1584 -15.22 -40.50 12.68
N ALA A 1585 -14.71 -39.51 13.40
CA ALA A 1585 -13.65 -38.65 12.88
C ALA A 1585 -12.36 -39.43 12.69
N VAL A 1586 -11.51 -38.94 11.82
CA VAL A 1586 -10.27 -39.61 11.50
C VAL A 1586 -9.09 -38.64 11.56
N MET A 1587 -8.11 -39.00 12.38
CA MET A 1587 -6.80 -38.36 12.45
C MET A 1587 -5.80 -39.38 11.96
N TYR A 1588 -4.77 -38.87 11.25
CA TYR A 1588 -3.63 -39.68 10.77
C TYR A 1588 -2.33 -38.85 10.89
N ALA A 1589 -1.25 -39.26 10.21
CA ALA A 1589 0.04 -38.55 10.33
C ALA A 1589 0.95 -38.75 9.11
N GLY A 1590 2.00 -37.92 9.01
CA GLY A 1590 3.00 -37.96 7.91
C GLY A 1590 4.32 -38.51 8.41
N GLU A 1591 5.06 -39.22 7.55
CA GLU A 1591 6.37 -39.83 7.92
C GLU A 1591 7.35 -38.76 8.40
N ALA A 1592 7.94 -37.99 7.47
CA ALA A 1592 8.86 -36.89 7.85
C ALA A 1592 8.89 -35.84 6.73
N ARG A 1593 8.82 -34.56 7.07
CA ARG A 1593 8.90 -33.49 6.03
C ARG A 1593 9.70 -32.30 6.58
N PRO A 1594 10.70 -31.77 5.84
CA PRO A 1594 11.47 -30.61 6.30
C PRO A 1594 10.62 -29.34 6.40
N ASP A 1595 9.78 -29.13 5.39
CA ASP A 1595 8.88 -27.94 5.29
C ASP A 1595 7.69 -28.08 6.23
N LYS A 1596 6.96 -26.99 6.47
CA LYS A 1596 5.73 -27.13 7.29
C LYS A 1596 4.58 -27.43 6.32
N LYS A 1597 4.64 -26.82 5.14
CA LYS A 1597 3.60 -27.04 4.08
C LYS A 1597 3.65 -28.49 3.60
N SER A 1598 4.84 -29.06 3.44
CA SER A 1598 5.01 -30.45 2.93
C SER A 1598 4.47 -31.46 3.94
N SER A 1599 4.78 -31.29 5.21
CA SER A 1599 4.30 -32.16 6.28
C SER A 1599 2.79 -32.34 6.21
N PHE A 1600 2.05 -31.23 6.07
CA PHE A 1600 0.61 -31.24 5.82
C PHE A 1600 0.29 -32.03 4.56
N ASP A 1601 1.14 -31.91 3.56
CA ASP A 1601 0.95 -32.54 2.28
C ASP A 1601 1.09 -34.07 2.37
N SER A 1602 2.19 -34.53 2.94
CA SER A 1602 2.44 -35.96 3.09
C SER A 1602 1.47 -36.56 4.08
N ALA A 1603 0.99 -35.75 5.01
CA ALA A 1603 -0.01 -36.26 5.93
C ALA A 1603 -1.34 -36.45 5.22
N VAL A 1604 -1.65 -35.58 4.25
CA VAL A 1604 -2.84 -35.77 3.43
C VAL A 1604 -2.70 -37.01 2.55
N VAL A 1605 -1.51 -37.26 2.02
CA VAL A 1605 -1.30 -38.45 1.17
C VAL A 1605 -1.45 -39.75 1.98
N GLU A 1606 -0.81 -39.83 3.14
CA GLU A 1606 -0.93 -41.03 3.96
C GLU A 1606 -2.33 -41.17 4.52
N LEU A 1607 -3.04 -40.05 4.69
CA LEU A 1607 -4.48 -40.09 4.96
C LEU A 1607 -5.26 -40.71 3.81
N LEU A 1608 -4.98 -40.30 2.57
CA LEU A 1608 -5.80 -40.76 1.45
C LEU A 1608 -5.59 -42.25 1.19
N TYR A 1609 -4.34 -42.69 1.32
CA TYR A 1609 -4.05 -44.14 1.14
C TYR A 1609 -4.70 -44.89 2.30
N GLU A 1610 -4.65 -44.28 3.49
CA GLU A 1610 -5.29 -44.88 4.70
C GLU A 1610 -6.80 -44.91 4.48
N LEU A 1611 -7.35 -43.83 3.90
CA LEU A 1611 -8.79 -43.70 3.60
C LEU A 1611 -9.20 -44.78 2.59
N GLU A 1612 -8.32 -45.05 1.61
CA GLU A 1612 -8.59 -46.09 0.58
C GLU A 1612 -8.72 -47.46 1.27
N ARG A 1613 -7.83 -47.70 2.26
CA ARG A 1613 -7.80 -48.94 3.08
C ARG A 1613 -9.01 -48.98 4.01
N ARG A 1614 -9.55 -47.81 4.37
CA ARG A 1614 -10.74 -47.63 5.26
C ARG A 1614 -12.01 -47.54 4.40
N LYS A 1615 -11.91 -47.86 3.10
CA LYS A 1615 -13.05 -48.09 2.19
C LYS A 1615 -13.90 -46.81 2.06
N ILE A 1616 -13.23 -45.65 1.96
CA ILE A 1616 -13.95 -44.36 1.81
C ILE A 1616 -13.71 -43.77 0.42
N VAL A 1617 -12.46 -43.69 -0.03
CA VAL A 1617 -12.19 -43.08 -1.37
C VAL A 1617 -11.28 -44.02 -2.17
N ILE A 1618 -11.36 -43.94 -3.50
CA ILE A 1618 -10.47 -44.74 -4.40
C ILE A 1618 -9.53 -43.73 -5.07
N ILE A 1619 -8.22 -43.86 -4.86
CA ILE A 1619 -7.24 -42.89 -5.43
C ILE A 1619 -7.28 -42.94 -6.96
N GLN A 1620 -7.37 -44.14 -7.54
CA GLN A 1620 -7.41 -44.27 -9.02
C GLN A 1620 -8.76 -43.77 -9.54
#